data_7CRM
#
_entry.id   7CRM
#
_cell.length_a   69.008
_cell.length_b   81.212
_cell.length_c   129.768
_cell.angle_alpha   90.00
_cell.angle_beta   90.00
_cell.angle_gamma   90.00
#
_symmetry.space_group_name_H-M   'P 21 21 21'
#
loop_
_entity.id
_entity.type
_entity.pdbx_description
1 polymer "Aminoglycoside 2'-N-acetyltransferase"
2 non-polymer 1,2-ETHANEDIOL
3 water water
#
_entity_poly.entity_id   1
_entity_poly.type   'polypeptide(L)'
_entity_poly.pdbx_seq_one_letter_code
;MLTQHVSEARTRGAIHTARLIHTSDLDQETRDGARRMVIEAFRDPSGDSDFTDDFTDDDWDHALGGMHALISHHGALIAH
GAVVQRRLMYRGPDGRGHALRCGYVEAVAVREDRRGDGLGTAVLDALEQVIRGAYQIGALSASDIARPMYIARGWLSWEG
PTSVLTPTEGIVRTPEDDRSLFVLPVDLPDGLELDTAREITCDWRSGDPW
;
_entity_poly.pdbx_strand_id   A,B,C,D
#
# COMPACT_ATOMS: atom_id res chain seq x y z
N ILE A 15 -29.00 2.62 20.92
CA ILE A 15 -28.56 3.83 20.24
C ILE A 15 -27.10 3.69 19.83
N HIS A 16 -26.89 3.33 18.56
CA HIS A 16 -25.59 3.22 17.91
C HIS A 16 -25.25 4.53 17.19
N THR A 17 -23.97 4.88 17.21
CA THR A 17 -23.48 6.05 16.51
C THR A 17 -22.38 5.63 15.53
N ALA A 18 -22.36 6.25 14.36
CA ALA A 18 -21.35 5.94 13.36
C ALA A 18 -20.12 6.82 13.55
N ARG A 19 -18.96 6.30 13.18
CA ARG A 19 -17.74 7.09 13.15
C ARG A 19 -17.43 7.46 11.71
N LEU A 20 -16.99 8.70 11.48
CA LEU A 20 -16.68 9.25 10.14
C LEU A 20 -15.18 9.19 9.89
N ILE A 21 -14.78 8.42 8.90
CA ILE A 21 -13.33 8.21 8.61
C ILE A 21 -13.11 8.40 7.11
N HIS A 22 -12.07 9.15 6.76
CA HIS A 22 -11.70 9.28 5.38
C HIS A 22 -11.01 8.02 4.90
N THR A 23 -11.19 7.73 3.62
CA THR A 23 -10.58 6.55 3.03
C THR A 23 -9.10 6.44 3.36
N SER A 24 -8.38 7.56 3.28
CA SER A 24 -6.95 7.54 3.51
C SER A 24 -6.61 7.14 4.95
N ASP A 25 -7.45 7.52 5.92
CA ASP A 25 -7.24 7.19 7.34
C ASP A 25 -7.65 5.76 7.67
N LEU A 26 -8.19 5.05 6.70
CA LEU A 26 -8.64 3.66 6.89
C LEU A 26 -7.41 2.75 6.98
N ASP A 27 -7.30 1.93 8.02
CA ASP A 27 -6.18 0.97 8.08
C ASP A 27 -6.58 -0.29 7.29
N GLN A 28 -5.61 -1.13 6.93
CA GLN A 28 -5.88 -2.32 6.08
C GLN A 28 -6.99 -3.19 6.66
N GLU A 29 -6.97 -3.41 7.97
CA GLU A 29 -7.97 -4.26 8.65
C GLU A 29 -9.37 -3.70 8.36
N THR A 30 -9.60 -2.49 8.84
CA THR A 30 -10.89 -1.77 8.78
C THR A 30 -11.38 -1.64 7.34
N ARG A 31 -10.46 -1.59 6.39
CA ARG A 31 -10.76 -1.42 4.96
C ARG A 31 -11.22 -2.74 4.35
N ASP A 32 -10.51 -3.82 4.63
CA ASP A 32 -10.89 -5.08 4.00
C ASP A 32 -12.20 -5.60 4.57
N GLY A 33 -12.42 -5.40 5.87
CA GLY A 33 -13.69 -5.74 6.45
C GLY A 33 -14.84 -4.98 5.83
N ALA A 34 -14.66 -3.67 5.63
CA ALA A 34 -15.71 -2.87 5.00
C ALA A 34 -16.02 -3.38 3.62
N ARG A 35 -15.00 -3.71 2.83
CA ARG A 35 -15.32 -4.21 1.48
C ARG A 35 -16.02 -5.57 1.60
N ARG A 36 -15.69 -6.32 2.64
CA ARG A 36 -16.26 -7.67 2.86
C ARG A 36 -17.72 -7.54 3.27
N MET A 37 -18.00 -6.64 4.21
CA MET A 37 -19.36 -6.44 4.74
C MET A 37 -20.25 -5.91 3.63
N VAL A 38 -19.75 -5.01 2.79
CA VAL A 38 -20.61 -4.42 1.76
C VAL A 38 -20.93 -5.43 0.66
N ILE A 39 -19.93 -6.21 0.22
CA ILE A 39 -20.22 -7.21 -0.80
C ILE A 39 -21.24 -8.20 -0.29
N GLU A 40 -21.10 -8.64 0.95
CA GLU A 40 -22.07 -9.63 1.47
C GLU A 40 -23.43 -8.97 1.66
N ALA A 41 -23.46 -7.73 2.14
CA ALA A 41 -24.74 -7.03 2.37
C ALA A 41 -25.48 -6.78 1.07
N PHE A 42 -24.76 -6.47 -0.01
CA PHE A 42 -25.39 -6.21 -1.32
C PHE A 42 -25.38 -7.49 -2.17
N ARG A 43 -25.47 -8.67 -1.56
CA ARG A 43 -25.45 -9.93 -2.36
C ARG A 43 -26.86 -10.39 -2.72
N ASP A 44 -27.87 -9.54 -2.49
CA ASP A 44 -29.25 -9.85 -2.94
C ASP A 44 -29.12 -10.10 -4.43
N THR A 52 -30.74 -6.43 -10.66
CA THR A 52 -29.58 -5.85 -9.95
C THR A 52 -28.30 -6.60 -10.37
N ASP A 53 -27.24 -6.49 -9.55
CA ASP A 53 -25.95 -7.17 -9.85
C ASP A 53 -25.11 -7.26 -8.57
N ASP A 54 -24.17 -8.20 -8.52
CA ASP A 54 -23.29 -8.39 -7.33
C ASP A 54 -22.29 -7.24 -7.27
N PHE A 55 -21.81 -6.91 -6.06
CA PHE A 55 -20.83 -5.82 -5.86
C PHE A 55 -19.59 -6.06 -6.70
N THR A 56 -19.42 -5.29 -7.76
CA THR A 56 -18.26 -5.46 -8.63
C THR A 56 -17.08 -4.67 -8.08
N ASP A 57 -15.94 -4.85 -8.74
CA ASP A 57 -14.75 -4.09 -8.37
C ASP A 57 -14.98 -2.59 -8.50
N ASP A 58 -15.79 -2.19 -9.49
CA ASP A 58 -16.03 -0.77 -9.71
C ASP A 58 -16.97 -0.20 -8.65
N ASP A 59 -18.01 -0.95 -8.26
CA ASP A 59 -18.91 -0.54 -7.20
C ASP A 59 -18.16 -0.19 -5.92
N TRP A 60 -17.09 -0.92 -5.63
CA TRP A 60 -16.25 -0.62 -4.47
C TRP A 60 -15.33 0.55 -4.75
N ASP A 61 -14.79 0.64 -5.96
CA ASP A 61 -14.00 1.80 -6.33
C ASP A 61 -14.80 3.10 -6.20
N HIS A 62 -16.07 3.07 -6.60
CA HIS A 62 -16.94 4.24 -6.45
C HIS A 62 -17.13 4.61 -5.00
N ALA A 63 -17.08 3.64 -4.09
CA ALA A 63 -17.32 3.92 -2.69
C ALA A 63 -16.08 4.44 -1.98
N LEU A 64 -14.95 4.51 -2.68
CA LEU A 64 -13.71 5.00 -2.11
C LEU A 64 -13.46 6.44 -2.51
N GLY A 65 -12.81 7.19 -1.60
CA GLY A 65 -12.29 8.51 -1.92
C GLY A 65 -12.77 9.62 -1.02
N GLY A 66 -13.84 9.42 -0.27
CA GLY A 66 -14.32 10.41 0.68
C GLY A 66 -14.45 9.88 2.10
N MET A 67 -15.62 10.12 2.71
CA MET A 67 -15.87 9.79 4.10
C MET A 67 -16.69 8.51 4.23
N HIS A 68 -16.20 7.58 5.03
CA HIS A 68 -16.94 6.38 5.39
C HIS A 68 -17.57 6.58 6.76
N ALA A 69 -18.80 6.10 6.89
CA ALA A 69 -19.48 6.01 8.18
C ALA A 69 -19.49 4.54 8.58
N LEU A 70 -18.88 4.23 9.72
CA LEU A 70 -18.72 2.86 10.18
C LEU A 70 -19.41 2.69 11.52
N ILE A 71 -20.04 1.54 11.70
CA ILE A 71 -20.51 1.11 13.01
C ILE A 71 -19.98 -0.30 13.22
N SER A 72 -19.31 -0.52 14.35
CA SER A 72 -18.78 -1.83 14.64
C SER A 72 -19.21 -2.28 16.04
N HIS A 73 -19.10 -3.59 16.26
CA HIS A 73 -19.62 -4.26 17.44
C HIS A 73 -18.89 -5.59 17.58
N HIS A 74 -18.40 -5.89 18.79
CA HIS A 74 -17.61 -7.10 19.03
C HIS A 74 -16.46 -7.18 18.03
N GLY A 75 -15.84 -6.03 17.76
CA GLY A 75 -14.77 -5.94 16.78
C GLY A 75 -15.17 -6.11 15.33
N ALA A 76 -16.40 -6.52 15.03
CA ALA A 76 -16.87 -6.73 13.67
C ALA A 76 -17.67 -5.53 13.18
N LEU A 77 -17.62 -5.29 11.89
CA LEU A 77 -18.33 -4.17 11.28
C LEU A 77 -19.75 -4.58 10.93
N ILE A 78 -20.72 -3.81 11.41
CA ILE A 78 -22.13 -4.16 11.24
C ILE A 78 -22.88 -3.17 10.35
N ALA A 79 -22.30 -2.00 10.06
CA ALA A 79 -22.95 -0.98 9.23
C ALA A 79 -21.89 -0.17 8.52
N HIS A 80 -22.16 0.20 7.26
CA HIS A 80 -21.24 1.02 6.46
C HIS A 80 -22.01 1.95 5.52
N GLY A 81 -21.39 3.10 5.23
CA GLY A 81 -21.81 3.93 4.13
C GLY A 81 -20.69 4.88 3.79
N ALA A 82 -20.79 5.49 2.62
CA ALA A 82 -19.79 6.47 2.22
C ALA A 82 -20.48 7.57 1.44
N VAL A 83 -19.83 8.73 1.43
CA VAL A 83 -20.24 9.84 0.59
C VAL A 83 -18.99 10.33 -0.10
N VAL A 84 -19.04 10.44 -1.42
CA VAL A 84 -17.88 10.80 -2.22
C VAL A 84 -18.26 11.97 -3.14
N GLN A 85 -17.27 12.77 -3.49
CA GLN A 85 -17.48 13.99 -4.24
C GLN A 85 -17.54 13.74 -5.74
N ARG A 86 -18.60 14.26 -6.39
CA ARG A 86 -18.70 14.33 -7.84
C ARG A 86 -19.37 15.66 -8.21
N ARG A 87 -19.64 15.84 -9.50
CA ARG A 87 -20.41 16.97 -10.00
C ARG A 87 -21.78 16.53 -10.51
N LEU A 88 -22.82 17.30 -10.21
CA LEU A 88 -24.12 17.11 -10.82
C LEU A 88 -24.41 18.28 -11.76
N MET A 89 -24.70 17.97 -13.02
CA MET A 89 -24.97 18.99 -14.02
C MET A 89 -26.47 19.27 -14.11
N TYR A 90 -26.82 20.55 -14.03
CA TYR A 90 -28.21 21.00 -14.02
C TYR A 90 -28.32 22.30 -14.81
N ARG A 91 -29.39 22.44 -15.58
CA ARG A 91 -29.59 23.63 -16.40
C ARG A 91 -31.01 24.13 -16.19
N GLY A 92 -31.13 25.33 -15.61
CA GLY A 92 -32.43 25.93 -15.38
C GLY A 92 -33.04 26.45 -16.67
N PRO A 93 -34.27 26.97 -16.58
CA PRO A 93 -34.90 27.59 -17.75
C PRO A 93 -34.13 28.79 -18.28
N ASP A 94 -33.34 29.48 -17.44
CA ASP A 94 -32.64 30.67 -17.98
C ASP A 94 -31.37 30.30 -18.74
N GLY A 95 -31.20 29.04 -19.10
CA GLY A 95 -29.99 28.77 -19.90
C GLY A 95 -28.97 28.08 -19.03
N ARG A 96 -28.96 28.45 -17.76
CA ARG A 96 -28.09 28.03 -16.61
C ARG A 96 -26.80 27.25 -16.92
N GLY A 97 -26.65 26.00 -16.44
CA GLY A 97 -25.27 25.55 -16.55
C GLY A 97 -24.67 25.49 -15.17
N HIS A 98 -25.05 24.49 -14.40
CA HIS A 98 -24.51 24.36 -13.03
C HIS A 98 -23.85 23.01 -12.91
N ALA A 99 -22.60 23.00 -12.50
CA ALA A 99 -21.86 21.76 -12.24
C ALA A 99 -21.69 21.70 -10.74
N LEU A 100 -22.74 21.25 -10.07
CA LEU A 100 -22.85 21.38 -8.62
C LEU A 100 -21.89 20.44 -7.93
N ARG A 101 -21.25 20.94 -6.88
CA ARG A 101 -20.35 20.15 -6.07
C ARG A 101 -21.19 19.17 -5.23
N CYS A 102 -21.12 17.87 -5.56
CA CYS A 102 -22.08 16.91 -5.03
C CYS A 102 -21.41 15.88 -4.15
N GLY A 103 -21.98 15.67 -2.97
CA GLY A 103 -21.62 14.53 -2.15
C GLY A 103 -22.53 13.38 -2.52
N TYR A 104 -21.99 12.37 -3.17
CA TYR A 104 -22.81 11.26 -3.63
C TYR A 104 -22.69 10.10 -2.65
N VAL A 105 -23.83 9.55 -2.23
CA VAL A 105 -23.89 8.51 -1.22
C VAL A 105 -23.66 7.16 -1.89
N GLU A 106 -22.80 6.33 -1.28
CA GLU A 106 -22.45 5.04 -1.86
C GLU A 106 -22.32 3.97 -0.78
N ALA A 107 -22.64 2.75 -1.17
CA ALA A 107 -22.35 1.56 -0.38
C ALA A 107 -22.97 1.66 1.02
N VAL A 108 -24.25 1.99 1.07
CA VAL A 108 -24.98 1.93 2.33
C VAL A 108 -25.36 0.48 2.59
N ALA A 109 -24.72 -0.14 3.57
CA ALA A 109 -24.90 -1.57 3.81
C ALA A 109 -25.07 -1.85 5.29
N VAL A 110 -26.07 -2.65 5.64
CA VAL A 110 -26.27 -3.10 7.02
C VAL A 110 -26.22 -4.62 7.03
N ARG A 111 -25.42 -5.18 7.93
CA ARG A 111 -25.35 -6.62 8.08
C ARG A 111 -26.74 -7.21 8.25
N GLU A 112 -26.96 -8.35 7.58
CA GLU A 112 -28.31 -8.91 7.47
C GLU A 112 -28.91 -9.22 8.83
N ASP A 113 -28.13 -9.82 9.74
CA ASP A 113 -28.66 -10.18 11.06
C ASP A 113 -28.86 -8.95 11.97
N ARG A 114 -28.38 -7.78 11.58
CA ARG A 114 -28.51 -6.59 12.42
C ARG A 114 -29.53 -5.58 11.90
N ARG A 115 -30.24 -5.89 10.81
CA ARG A 115 -31.29 -5.01 10.33
C ARG A 115 -32.45 -4.94 11.30
N GLY A 116 -33.08 -3.76 11.40
CA GLY A 116 -34.21 -3.51 12.27
C GLY A 116 -33.88 -2.60 13.45
N ASP A 117 -32.60 -2.53 13.86
CA ASP A 117 -32.20 -1.80 15.06
C ASP A 117 -31.82 -0.35 14.79
N GLY A 118 -32.17 0.17 13.61
CA GLY A 118 -31.86 1.55 13.30
C GLY A 118 -30.45 1.82 12.82
N LEU A 119 -29.67 0.79 12.48
CA LEU A 119 -28.30 1.03 12.04
C LEU A 119 -28.25 1.91 10.79
N GLY A 120 -29.14 1.68 9.83
CA GLY A 120 -29.18 2.52 8.63
C GLY A 120 -29.38 4.00 8.95
N THR A 121 -30.35 4.30 9.82
CA THR A 121 -30.53 5.65 10.35
C THR A 121 -29.22 6.25 10.82
N ALA A 122 -28.51 5.53 11.70
CA ALA A 122 -27.26 6.06 12.23
C ALA A 122 -26.26 6.36 11.12
N VAL A 123 -26.23 5.51 10.08
CA VAL A 123 -25.28 5.70 8.99
C VAL A 123 -25.60 6.99 8.24
N LEU A 124 -26.89 7.19 7.90
CA LEU A 124 -27.27 8.39 7.17
C LEU A 124 -27.09 9.63 8.02
N ASP A 125 -27.34 9.52 9.33
CA ASP A 125 -27.03 10.61 10.26
C ASP A 125 -25.60 11.10 10.03
N ALA A 126 -24.64 10.17 10.06
CA ALA A 126 -23.27 10.54 9.79
C ALA A 126 -23.09 11.07 8.37
N LEU A 127 -23.71 10.40 7.38
CA LEU A 127 -23.46 10.80 6.01
C LEU A 127 -24.10 12.16 5.69
N GLU A 128 -25.19 12.53 6.36
CA GLU A 128 -25.79 13.84 6.09
C GLU A 128 -24.99 14.99 6.71
N GLN A 129 -24.36 14.73 7.85
CA GLN A 129 -23.42 15.70 8.40
C GLN A 129 -22.31 16.01 7.42
N VAL A 130 -21.78 14.98 6.75
CA VAL A 130 -20.69 15.24 5.81
C VAL A 130 -21.20 16.05 4.63
N ILE A 131 -22.42 15.74 4.17
CA ILE A 131 -23.03 16.47 3.07
C ILE A 131 -23.26 17.94 3.46
N ARG A 132 -24.01 18.17 4.53
CA ARG A 132 -24.30 19.55 4.91
C ARG A 132 -23.03 20.32 5.25
N GLY A 133 -21.94 19.63 5.57
CA GLY A 133 -20.76 20.40 5.89
C GLY A 133 -19.79 20.60 4.77
N ALA A 134 -20.08 20.11 3.57
CA ALA A 134 -18.99 20.10 2.60
C ALA A 134 -19.42 20.27 1.15
N TYR A 135 -20.70 20.17 0.84
CA TYR A 135 -21.13 20.10 -0.55
C TYR A 135 -22.35 20.98 -0.78
N GLN A 136 -22.62 21.27 -2.06
CA GLN A 136 -23.78 22.09 -2.35
C GLN A 136 -25.06 21.27 -2.37
N ILE A 137 -24.94 19.96 -2.57
CA ILE A 137 -26.10 19.10 -2.73
C ILE A 137 -25.67 17.67 -2.44
N GLY A 138 -26.55 16.92 -1.80
CA GLY A 138 -26.37 15.50 -1.64
C GLY A 138 -27.19 14.77 -2.67
N ALA A 139 -26.73 13.57 -3.04
CA ALA A 139 -27.46 12.75 -4.00
C ALA A 139 -27.24 11.28 -3.69
N LEU A 140 -28.29 10.49 -3.87
CA LEU A 140 -28.19 9.05 -3.74
C LEU A 140 -29.19 8.39 -4.67
N SER A 141 -29.04 7.08 -4.81
CA SER A 141 -29.91 6.27 -5.64
C SER A 141 -30.51 5.19 -4.75
N ALA A 142 -31.82 5.09 -4.78
CA ALA A 142 -32.44 4.14 -3.84
C ALA A 142 -33.48 3.32 -4.56
N SER A 143 -33.80 2.16 -4.00
CA SER A 143 -34.85 1.29 -4.59
C SER A 143 -36.23 1.82 -4.19
N ASP A 144 -37.26 1.35 -4.87
CA ASP A 144 -38.65 1.77 -4.56
C ASP A 144 -38.99 1.42 -3.11
N ILE A 145 -38.44 0.33 -2.58
CA ILE A 145 -38.80 -0.09 -1.20
C ILE A 145 -38.12 0.84 -0.21
N ALA A 146 -37.05 1.50 -0.62
CA ALA A 146 -36.30 2.40 0.28
C ALA A 146 -36.87 3.81 0.32
N ARG A 147 -37.53 4.25 -0.76
CA ARG A 147 -38.12 5.61 -0.95
C ARG A 147 -38.61 6.24 0.36
N PRO A 148 -39.61 5.66 1.04
CA PRO A 148 -40.11 6.19 2.29
C PRO A 148 -39.06 6.56 3.34
N MET A 149 -38.03 5.74 3.52
CA MET A 149 -37.06 6.07 4.57
C MET A 149 -36.37 7.40 4.29
N TYR A 150 -36.08 7.68 3.01
CA TYR A 150 -35.35 8.90 2.65
C TYR A 150 -36.28 10.11 2.62
N ILE A 151 -37.50 9.94 2.13
CA ILE A 151 -38.46 11.04 2.12
C ILE A 151 -38.74 11.54 3.53
N ALA A 152 -38.91 10.62 4.49
CA ALA A 152 -39.12 11.00 5.88
C ALA A 152 -37.90 11.69 6.47
N ARG A 153 -36.72 11.47 5.89
CA ARG A 153 -35.51 12.14 6.33
C ARG A 153 -35.33 13.52 5.71
N GLY A 154 -36.17 13.88 4.73
CA GLY A 154 -36.09 15.18 4.10
C GLY A 154 -35.47 15.22 2.72
N TRP A 155 -35.32 14.08 2.04
CA TRP A 155 -34.68 14.03 0.74
C TRP A 155 -35.73 14.25 -0.33
N LEU A 156 -35.37 14.97 -1.39
CA LEU A 156 -36.27 15.24 -2.49
C LEU A 156 -36.06 14.21 -3.59
N SER A 157 -37.16 13.71 -4.12
CA SER A 157 -37.11 12.75 -5.21
C SER A 157 -37.02 13.52 -6.52
N TRP A 158 -36.06 13.14 -7.35
CA TRP A 158 -36.01 13.67 -8.70
C TRP A 158 -37.06 12.98 -9.55
N GLU A 159 -37.93 13.77 -10.17
CA GLU A 159 -38.91 13.19 -11.08
C GLU A 159 -38.43 13.21 -12.52
N GLY A 160 -37.63 14.20 -12.87
CA GLY A 160 -37.12 14.32 -14.21
C GLY A 160 -36.25 13.15 -14.61
N PRO A 161 -35.99 13.08 -15.91
CA PRO A 161 -35.10 12.04 -16.42
C PRO A 161 -33.67 12.24 -15.96
N THR A 162 -33.01 11.13 -15.65
CA THR A 162 -31.61 11.17 -15.25
C THR A 162 -30.74 10.77 -16.42
N SER A 163 -29.52 11.29 -16.41
CA SER A 163 -28.61 10.95 -17.49
C SER A 163 -27.19 11.02 -16.97
N VAL A 164 -26.26 10.67 -17.85
CA VAL A 164 -24.85 10.62 -17.56
C VAL A 164 -24.12 11.23 -18.73
N LEU A 165 -23.14 12.11 -18.43
CA LEU A 165 -22.26 12.70 -19.43
C LEU A 165 -21.15 11.72 -19.78
N THR A 166 -21.13 11.24 -21.10
CA THR A 166 -20.11 10.27 -21.47
C THR A 166 -19.01 10.93 -22.29
N PRO A 167 -17.81 10.36 -22.31
CA PRO A 167 -16.73 10.96 -23.12
C PRO A 167 -16.92 10.77 -24.61
N THR A 168 -17.60 9.69 -25.03
CA THR A 168 -17.70 9.35 -26.45
C THR A 168 -19.01 9.78 -27.07
N GLU A 169 -20.12 9.38 -26.47
CA GLU A 169 -21.43 9.89 -26.81
C GLU A 169 -21.61 11.22 -26.10
N GLY A 170 -22.81 11.75 -26.10
CA GLY A 170 -22.93 12.96 -25.32
C GLY A 170 -23.48 12.67 -23.93
N ILE A 171 -24.59 13.34 -23.64
CA ILE A 171 -25.40 13.07 -22.46
C ILE A 171 -26.43 12.02 -22.86
N VAL A 172 -26.39 10.86 -22.21
CA VAL A 172 -27.27 9.74 -22.57
C VAL A 172 -28.17 9.39 -21.39
N ARG A 173 -29.45 9.21 -21.66
CA ARG A 173 -30.41 8.93 -20.57
C ARG A 173 -30.11 7.59 -19.93
N THR A 174 -30.38 7.50 -18.63
CA THR A 174 -30.18 6.24 -17.87
C THR A 174 -31.51 5.80 -17.25
N PRO A 175 -32.53 5.39 -18.02
CA PRO A 175 -33.77 4.97 -17.43
C PRO A 175 -33.86 3.48 -17.08
N GLU A 176 -33.08 2.61 -17.74
CA GLU A 176 -33.14 1.13 -17.54
C GLU A 176 -32.57 0.80 -16.18
N ASP A 177 -33.20 1.36 -15.16
CA ASP A 177 -32.76 1.31 -13.75
C ASP A 177 -34.03 1.24 -12.92
N ASP A 178 -34.05 0.40 -11.87
CA ASP A 178 -35.23 0.28 -10.97
C ASP A 178 -35.09 1.25 -9.79
N ARG A 179 -33.93 1.89 -9.69
CA ARG A 179 -33.60 2.83 -8.64
C ARG A 179 -34.17 4.22 -8.95
N SER A 180 -34.29 5.01 -7.89
CA SER A 180 -34.78 6.37 -7.99
C SER A 180 -33.69 7.29 -7.47
N LEU A 181 -33.49 8.41 -8.14
CA LEU A 181 -32.55 9.42 -7.66
C LEU A 181 -33.19 10.31 -6.59
N PHE A 182 -32.41 10.62 -5.54
CA PHE A 182 -32.81 11.53 -4.48
C PHE A 182 -31.74 12.59 -4.22
N VAL A 183 -32.16 13.83 -3.92
CA VAL A 183 -31.20 14.91 -3.71
C VAL A 183 -31.49 15.64 -2.40
N LEU A 184 -30.43 16.17 -1.80
CA LEU A 184 -30.49 16.90 -0.54
C LEU A 184 -29.85 18.26 -0.78
N PRO A 185 -30.64 19.31 -1.04
CA PRO A 185 -30.08 20.64 -1.30
C PRO A 185 -29.66 21.26 0.04
N VAL A 186 -28.40 21.66 0.13
CA VAL A 186 -27.87 22.14 1.40
C VAL A 186 -27.14 23.46 1.28
N ASP A 187 -26.67 23.86 0.10
CA ASP A 187 -25.86 25.06 -0.04
C ASP A 187 -25.80 25.41 -1.52
N LEU A 188 -26.96 25.45 -2.17
CA LEU A 188 -27.05 25.76 -3.59
C LEU A 188 -26.50 27.15 -3.87
N PRO A 189 -25.93 27.38 -5.06
CA PRO A 189 -25.49 28.74 -5.41
C PRO A 189 -26.65 29.71 -5.28
N ASP A 190 -26.32 30.96 -4.96
CA ASP A 190 -27.30 31.85 -4.33
C ASP A 190 -28.54 32.03 -5.20
N GLY A 191 -28.40 31.99 -6.51
CA GLY A 191 -29.61 32.17 -7.29
C GLY A 191 -30.48 30.93 -7.45
N LEU A 192 -29.87 29.76 -7.35
CA LEU A 192 -30.50 28.48 -7.76
C LEU A 192 -31.68 28.04 -6.91
N GLU A 193 -32.71 27.58 -7.59
CA GLU A 193 -33.88 26.93 -6.99
C GLU A 193 -34.18 25.76 -7.92
N LEU A 194 -34.09 24.55 -7.40
CA LEU A 194 -34.18 23.35 -8.26
C LEU A 194 -35.59 23.00 -8.66
N ASP A 195 -35.74 22.76 -9.96
CA ASP A 195 -36.96 22.17 -10.50
C ASP A 195 -36.67 20.68 -10.69
N THR A 196 -37.09 19.86 -9.73
CA THR A 196 -36.87 18.41 -9.79
C THR A 196 -37.56 17.77 -10.99
N ALA A 197 -38.28 18.58 -11.77
CA ALA A 197 -38.88 18.07 -13.00
C ALA A 197 -37.93 18.10 -14.18
N ARG A 198 -36.87 18.89 -14.12
CA ARG A 198 -35.95 19.01 -15.23
C ARG A 198 -35.03 17.81 -15.30
N GLU A 199 -34.18 17.78 -16.33
CA GLU A 199 -33.14 16.75 -16.44
C GLU A 199 -32.03 17.00 -15.43
N ILE A 200 -31.34 15.94 -15.06
CA ILE A 200 -30.21 16.00 -14.16
C ILE A 200 -29.17 15.00 -14.65
N THR A 201 -27.91 15.41 -14.66
CA THR A 201 -26.85 14.66 -15.32
C THR A 201 -25.64 14.52 -14.40
N CYS A 202 -25.26 13.29 -14.10
CA CYS A 202 -24.07 13.05 -13.31
C CYS A 202 -22.83 13.04 -14.19
N ASP A 203 -21.67 13.21 -13.54
CA ASP A 203 -20.42 13.16 -14.30
C ASP A 203 -20.03 11.71 -14.61
N TRP A 204 -19.11 11.57 -15.54
CA TRP A 204 -18.72 10.27 -16.07
C TRP A 204 -17.83 9.51 -15.09
N ARG A 205 -18.11 8.23 -14.94
CA ARG A 205 -17.19 7.30 -14.28
C ARG A 205 -17.42 5.93 -14.89
N SER A 206 -16.44 5.05 -14.76
CA SER A 206 -16.59 3.70 -15.30
C SER A 206 -17.46 2.88 -14.38
N GLY A 207 -18.31 2.04 -14.98
CA GLY A 207 -19.22 1.20 -14.22
C GLY A 207 -20.58 1.84 -14.05
N ASP A 208 -21.27 1.50 -12.99
CA ASP A 208 -22.54 2.12 -12.68
C ASP A 208 -22.33 3.61 -12.40
N PRO A 209 -22.88 4.52 -13.21
CA PRO A 209 -22.66 5.95 -12.96
C PRO A 209 -23.46 6.48 -11.79
N TRP A 210 -24.54 5.81 -11.40
CA TRP A 210 -25.30 6.17 -10.19
C TRP A 210 -25.10 5.14 -9.09
N ALA B 14 7.62 20.07 17.95
CA ALA B 14 8.94 20.68 17.80
C ALA B 14 9.08 21.35 16.45
N ILE B 15 8.51 20.73 15.42
CA ILE B 15 8.63 21.16 14.05
C ILE B 15 7.22 21.18 13.44
N HIS B 16 6.94 22.21 12.64
CA HIS B 16 5.63 22.37 12.03
C HIS B 16 5.27 21.18 11.14
N THR B 17 4.10 20.60 11.36
CA THR B 17 3.53 19.67 10.40
C THR B 17 2.09 20.06 10.13
N ALA B 18 1.60 19.62 8.98
CA ALA B 18 0.21 19.85 8.62
C ALA B 18 -0.69 18.83 9.27
N ARG B 19 -1.87 19.27 9.70
CA ARG B 19 -2.89 18.38 10.17
C ARG B 19 -3.99 18.32 9.12
N LEU B 20 -4.54 17.12 8.93
CA LEU B 20 -5.52 16.86 7.88
C LEU B 20 -6.93 16.88 8.45
N ILE B 21 -7.78 17.71 7.87
CA ILE B 21 -9.16 17.92 8.30
C ILE B 21 -10.05 17.88 7.06
N HIS B 22 -11.13 17.12 7.11
CA HIS B 22 -12.08 17.19 6.03
C HIS B 22 -12.87 18.51 6.08
N THR B 23 -13.34 18.95 4.91
CA THR B 23 -14.07 20.20 4.83
C THR B 23 -15.22 20.23 5.84
N SER B 24 -15.94 19.12 5.95
CA SER B 24 -17.14 19.05 6.77
C SER B 24 -16.85 19.05 8.27
N ASP B 25 -15.59 18.96 8.68
CA ASP B 25 -15.22 19.07 10.09
C ASP B 25 -14.68 20.44 10.44
N LEU B 26 -14.52 21.33 9.47
CA LEU B 26 -14.12 22.71 9.75
C LEU B 26 -15.30 23.51 10.28
N ASP B 27 -15.05 24.31 11.31
CA ASP B 27 -16.03 25.31 11.71
C ASP B 27 -15.82 26.58 10.87
N GLN B 28 -16.81 27.48 10.91
CA GLN B 28 -16.80 28.58 9.95
C GLN B 28 -15.66 29.56 10.22
N GLU B 29 -15.21 29.66 11.47
CA GLU B 29 -14.13 30.58 11.75
C GLU B 29 -12.81 30.07 11.16
N THR B 30 -12.57 28.77 11.23
CA THR B 30 -11.45 28.18 10.51
C THR B 30 -11.67 28.24 9.01
N ARG B 31 -12.85 27.82 8.58
CA ARG B 31 -13.19 27.81 7.14
C ARG B 31 -12.95 29.21 6.57
N ASP B 32 -13.40 30.25 7.26
CA ASP B 32 -13.25 31.62 6.71
C ASP B 32 -11.78 32.04 6.74
N GLY B 33 -11.03 31.57 7.73
CA GLY B 33 -9.60 31.90 7.80
C GLY B 33 -8.83 31.25 6.68
N ALA B 34 -9.19 30.04 6.31
CA ALA B 34 -8.47 29.37 5.21
C ALA B 34 -8.76 30.12 3.91
N ARG B 35 -10.01 30.46 3.66
CA ARG B 35 -10.26 31.17 2.41
C ARG B 35 -9.54 32.51 2.41
N ARG B 36 -9.63 33.26 3.51
CA ARG B 36 -8.98 34.55 3.58
C ARG B 36 -7.47 34.41 3.43
N MET B 37 -6.88 33.39 4.06
CA MET B 37 -5.43 33.22 3.95
C MET B 37 -5.00 32.87 2.53
N VAL B 38 -5.70 31.94 1.88
CA VAL B 38 -5.28 31.57 0.52
C VAL B 38 -5.41 32.77 -0.43
N ILE B 39 -6.42 33.60 -0.22
CA ILE B 39 -6.60 34.77 -1.08
C ILE B 39 -5.45 35.75 -0.90
N GLU B 40 -4.98 35.96 0.33
CA GLU B 40 -3.86 36.90 0.56
C GLU B 40 -2.55 36.32 0.01
N ALA B 41 -2.38 35.00 0.08
CA ALA B 41 -1.13 34.34 -0.36
C ALA B 41 -1.07 34.21 -1.89
N PHE B 42 -2.21 34.22 -2.55
CA PHE B 42 -2.24 34.12 -4.03
C PHE B 42 -2.36 35.54 -4.60
N ARG B 43 -2.95 36.46 -3.82
CA ARG B 43 -3.12 37.87 -4.26
C ARG B 43 -3.45 38.74 -3.03
N PHE B 55 -7.20 34.79 -7.15
CA PHE B 55 -7.98 33.70 -6.53
C PHE B 55 -9.43 34.16 -6.46
N THR B 56 -10.28 33.62 -7.31
CA THR B 56 -11.70 34.03 -7.43
C THR B 56 -12.58 33.16 -6.53
N ASP B 57 -13.89 33.36 -6.58
CA ASP B 57 -14.87 32.57 -5.81
C ASP B 57 -14.81 31.11 -6.29
N ASP B 58 -14.58 30.89 -7.59
CA ASP B 58 -14.54 29.53 -8.13
C ASP B 58 -13.28 28.81 -7.70
N ASP B 59 -12.13 29.50 -7.73
CA ASP B 59 -10.89 28.90 -7.27
C ASP B 59 -11.01 28.40 -5.84
N TRP B 60 -11.78 29.10 -5.00
CA TRP B 60 -11.99 28.61 -3.63
C TRP B 60 -13.00 27.47 -3.58
N ASP B 61 -14.03 27.50 -4.43
CA ASP B 61 -14.98 26.38 -4.47
C ASP B 61 -14.28 25.10 -4.92
N HIS B 62 -13.34 25.21 -5.85
CA HIS B 62 -12.58 24.04 -6.29
C HIS B 62 -11.82 23.40 -5.15
N ALA B 63 -11.62 24.11 -4.04
CA ALA B 63 -10.80 23.63 -2.93
C ALA B 63 -11.62 23.01 -1.82
N LEU B 64 -12.95 23.09 -1.90
CA LEU B 64 -13.86 22.52 -0.91
C LEU B 64 -14.29 21.13 -1.34
N GLY B 65 -14.51 20.26 -0.36
CA GLY B 65 -15.12 18.96 -0.58
C GLY B 65 -14.24 17.78 -0.21
N GLY B 66 -12.96 17.99 0.04
CA GLY B 66 -12.05 16.92 0.41
C GLY B 66 -11.25 17.28 1.65
N MET B 67 -9.98 16.92 1.61
CA MET B 67 -9.14 16.95 2.80
C MET B 67 -8.24 18.18 2.78
N HIS B 68 -8.25 18.93 3.88
CA HIS B 68 -7.42 20.13 4.03
C HIS B 68 -6.17 19.84 4.86
N ALA B 69 -5.01 20.26 4.35
CA ALA B 69 -3.78 20.30 5.13
C ALA B 69 -3.60 21.71 5.70
N LEU B 70 -3.62 21.82 7.03
CA LEU B 70 -3.60 23.09 7.76
C LEU B 70 -2.39 23.14 8.69
N ILE B 71 -1.65 24.23 8.63
CA ILE B 71 -0.60 24.50 9.62
C ILE B 71 -0.95 25.83 10.29
N SER B 72 -1.15 25.78 11.60
CA SER B 72 -1.52 26.95 12.38
C SER B 72 -0.43 27.27 13.40
N HIS B 73 -0.23 28.56 13.65
CA HIS B 73 0.83 29.00 14.54
C HIS B 73 0.51 30.39 15.07
N HIS B 74 0.58 30.55 16.40
CA HIS B 74 0.45 31.87 17.01
C HIS B 74 -0.89 32.50 16.66
N GLY B 75 -1.95 31.72 16.76
CA GLY B 75 -3.30 32.20 16.54
C GLY B 75 -3.75 32.26 15.10
N ALA B 76 -2.86 32.09 14.12
CA ALA B 76 -3.20 32.27 12.71
C ALA B 76 -2.77 31.06 11.89
N LEU B 77 -3.36 30.95 10.71
CA LEU B 77 -3.05 29.88 9.76
C LEU B 77 -1.84 30.29 8.93
N ILE B 78 -0.79 29.48 8.92
CA ILE B 78 0.42 29.86 8.20
C ILE B 78 0.61 29.10 6.90
N ALA B 79 -0.10 27.99 6.66
CA ALA B 79 0.01 27.26 5.40
C ALA B 79 -1.26 26.44 5.19
N HIS B 80 -1.54 26.13 3.93
CA HIS B 80 -2.80 25.49 3.58
C HIS B 80 -2.68 24.73 2.28
N GLY B 81 -3.45 23.65 2.16
CA GLY B 81 -3.63 22.98 0.89
C GLY B 81 -4.79 22.02 0.97
N ALA B 82 -5.27 21.63 -0.21
CA ALA B 82 -6.44 20.77 -0.28
C ALA B 82 -6.25 19.71 -1.36
N VAL B 83 -6.82 18.54 -1.12
CA VAL B 83 -6.94 17.48 -2.10
C VAL B 83 -8.42 17.14 -2.23
N VAL B 84 -8.95 17.27 -3.45
CA VAL B 84 -10.34 16.95 -3.71
C VAL B 84 -10.41 15.87 -4.79
N GLN B 85 -11.56 15.23 -4.84
CA GLN B 85 -11.76 14.05 -5.66
C GLN B 85 -12.33 14.46 -7.02
N ARG B 86 -11.67 14.02 -8.09
CA ARG B 86 -12.19 14.13 -9.44
C ARG B 86 -11.96 12.82 -10.18
N ARG B 87 -12.32 12.83 -11.45
CA ARG B 87 -12.08 11.75 -12.39
C ARG B 87 -11.13 12.26 -13.46
N LEU B 88 -10.13 11.45 -13.77
CA LEU B 88 -9.21 11.68 -14.87
C LEU B 88 -9.44 10.60 -15.91
N MET B 89 -9.72 11.02 -17.15
CA MET B 89 -10.04 10.11 -18.23
C MET B 89 -8.81 9.90 -19.11
N TYR B 90 -8.52 8.65 -19.43
CA TYR B 90 -7.31 8.30 -20.15
C TYR B 90 -7.63 7.09 -21.02
N ARG B 91 -7.28 7.17 -22.29
CA ARG B 91 -7.46 6.06 -23.21
C ARG B 91 -6.13 5.78 -23.89
N GLY B 92 -5.66 4.55 -23.80
CA GLY B 92 -4.35 4.28 -24.43
C GLY B 92 -4.50 3.79 -25.84
N PRO B 93 -3.45 3.23 -26.47
CA PRO B 93 -3.53 2.67 -27.83
C PRO B 93 -4.59 1.57 -27.86
N ASP B 94 -4.64 0.75 -26.82
CA ASP B 94 -5.68 -0.27 -26.50
C ASP B 94 -7.05 0.22 -26.94
N GLY B 95 -7.46 1.39 -26.45
CA GLY B 95 -8.75 1.97 -26.81
C GLY B 95 -9.71 1.68 -25.69
N ARG B 96 -9.19 1.05 -24.65
CA ARG B 96 -9.96 0.70 -23.44
C ARG B 96 -10.70 1.92 -22.89
N GLY B 97 -9.97 2.89 -22.34
CA GLY B 97 -10.61 4.03 -21.70
C GLY B 97 -10.78 3.85 -20.20
N HIS B 98 -10.21 4.75 -19.42
CA HIS B 98 -10.27 4.66 -17.97
C HIS B 98 -10.70 6.01 -17.40
N ALA B 99 -11.46 5.95 -16.30
CA ALA B 99 -11.79 7.12 -15.50
C ALA B 99 -11.14 6.94 -14.13
N LEU B 100 -9.92 7.42 -13.98
CA LEU B 100 -9.16 7.19 -12.75
C LEU B 100 -9.70 8.02 -11.60
N ARG B 101 -9.66 7.44 -10.40
CA ARG B 101 -10.07 8.14 -9.20
C ARG B 101 -8.91 9.02 -8.75
N CYS B 102 -9.09 10.34 -8.84
CA CYS B 102 -8.01 11.30 -8.82
C CYS B 102 -8.09 12.18 -7.58
N GLY B 103 -6.97 12.29 -6.85
CA GLY B 103 -6.78 13.30 -5.84
C GLY B 103 -6.17 14.56 -6.46
N TYR B 104 -6.94 15.63 -6.57
CA TYR B 104 -6.49 16.85 -7.25
C TYR B 104 -6.08 17.90 -6.22
N VAL B 105 -4.86 18.39 -6.33
CA VAL B 105 -4.33 19.34 -5.37
C VAL B 105 -4.82 20.76 -5.70
N GLU B 106 -5.31 21.46 -4.68
CA GLU B 106 -5.80 22.83 -4.82
C GLU B 106 -5.24 23.71 -3.71
N ALA B 107 -5.18 25.02 -4.00
CA ALA B 107 -5.03 26.08 -2.99
C ALA B 107 -3.88 25.82 -2.02
N VAL B 108 -2.71 25.52 -2.56
CA VAL B 108 -1.51 25.41 -1.73
C VAL B 108 -0.94 26.81 -1.53
N ALA B 109 -0.87 27.24 -0.27
CA ALA B 109 -0.50 28.64 -0.02
C ALA B 109 0.18 28.77 1.33
N VAL B 110 1.37 29.37 1.34
CA VAL B 110 2.10 29.67 2.56
C VAL B 110 2.08 31.18 2.79
N ARG B 111 1.69 31.57 4.01
CA ARG B 111 1.77 32.94 4.48
C ARG B 111 3.07 33.62 4.05
N GLU B 112 2.94 34.86 3.56
CA GLU B 112 4.01 35.55 2.85
C GLU B 112 5.28 35.68 3.70
N ASP B 113 5.16 36.18 4.92
CA ASP B 113 6.31 36.32 5.81
C ASP B 113 6.75 34.99 6.42
N ARG B 114 6.21 33.85 5.98
CA ARG B 114 6.58 32.56 6.55
C ARG B 114 7.23 31.64 5.52
N ARG B 115 7.60 32.15 4.36
CA ARG B 115 8.17 31.29 3.35
C ARG B 115 9.67 31.08 3.58
N GLY B 116 10.22 30.12 2.86
CA GLY B 116 11.61 29.76 3.04
C GLY B 116 11.89 28.90 4.24
N ASP B 117 10.88 28.26 4.81
CA ASP B 117 11.03 27.43 6.01
C ASP B 117 10.58 26.00 5.81
N GLY B 118 10.20 25.61 4.59
CA GLY B 118 9.65 24.29 4.37
C GLY B 118 8.20 24.09 4.77
N LEU B 119 7.45 25.16 5.00
CA LEU B 119 6.02 24.99 5.24
C LEU B 119 5.30 24.48 4.00
N GLY B 120 5.73 24.93 2.82
CA GLY B 120 5.17 24.40 1.60
C GLY B 120 5.33 22.90 1.49
N THR B 121 6.53 22.39 1.79
CA THR B 121 6.73 20.97 1.64
C THR B 121 6.02 20.19 2.73
N ALA B 122 5.74 20.82 3.87
CA ALA B 122 4.93 20.15 4.89
C ALA B 122 3.46 20.00 4.48
N VAL B 123 2.94 20.93 3.69
CA VAL B 123 1.56 20.77 3.17
C VAL B 123 1.52 19.69 2.11
N LEU B 124 2.49 19.68 1.18
CA LEU B 124 2.56 18.61 0.18
C LEU B 124 2.73 17.24 0.83
N ASP B 125 3.49 17.16 1.92
CA ASP B 125 3.66 15.89 2.63
C ASP B 125 2.31 15.32 3.04
N ALA B 126 1.46 16.16 3.64
CA ALA B 126 0.17 15.68 4.13
C ALA B 126 -0.80 15.42 2.98
N LEU B 127 -0.71 16.20 1.91
CA LEU B 127 -1.59 15.96 0.75
C LEU B 127 -1.23 14.64 0.06
N GLU B 128 0.07 14.35 -0.10
CA GLU B 128 0.46 13.09 -0.72
C GLU B 128 0.06 11.88 0.12
N GLN B 129 0.11 12.03 1.45
CA GLN B 129 -0.45 10.99 2.32
C GLN B 129 -1.90 10.69 1.94
N VAL B 130 -2.74 11.73 1.82
CA VAL B 130 -4.14 11.53 1.44
C VAL B 130 -4.22 10.82 0.09
N ILE B 131 -3.51 11.35 -0.90
CA ILE B 131 -3.50 10.76 -2.25
C ILE B 131 -3.12 9.29 -2.17
N ARG B 132 -2.01 8.98 -1.51
CA ARG B 132 -1.56 7.59 -1.46
C ARG B 132 -2.56 6.69 -0.78
N GLY B 133 -3.31 7.20 0.19
CA GLY B 133 -4.25 6.37 0.93
C GLY B 133 -5.65 6.23 0.32
N ALA B 134 -6.04 7.11 -0.61
CA ALA B 134 -7.44 7.14 -0.99
C ALA B 134 -7.71 7.21 -2.49
N TYR B 135 -6.68 7.30 -3.31
CA TYR B 135 -6.89 7.61 -4.71
C TYR B 135 -5.99 6.72 -5.55
N GLN B 136 -6.30 6.66 -6.84
CA GLN B 136 -5.48 5.91 -7.78
C GLN B 136 -4.37 6.76 -8.39
N ILE B 137 -4.49 8.08 -8.33
CA ILE B 137 -3.55 8.98 -8.98
C ILE B 137 -3.69 10.35 -8.35
N GLY B 138 -2.56 11.04 -8.20
CA GLY B 138 -2.55 12.41 -7.74
C GLY B 138 -2.41 13.26 -8.98
N ALA B 139 -2.94 14.49 -8.94
CA ALA B 139 -2.67 15.40 -10.04
C ALA B 139 -2.74 16.83 -9.55
N LEU B 140 -1.88 17.66 -10.14
CA LEU B 140 -1.89 19.10 -9.89
C LEU B 140 -1.36 19.83 -11.12
N SER B 141 -1.52 21.15 -11.12
CA SER B 141 -1.07 22.00 -12.20
C SER B 141 -0.08 23.02 -11.66
N ALA B 142 1.10 23.08 -12.25
CA ALA B 142 2.17 23.94 -11.76
C ALA B 142 2.84 24.66 -12.92
N SER B 143 3.48 25.78 -12.61
CA SER B 143 4.19 26.59 -13.58
C SER B 143 5.59 26.04 -13.82
N ASP B 144 6.20 26.44 -14.93
CA ASP B 144 7.59 26.04 -15.31
C ASP B 144 8.51 26.31 -14.14
N ILE B 145 8.24 27.38 -13.41
CA ILE B 145 9.07 27.81 -12.26
C ILE B 145 9.16 26.73 -11.19
N ALA B 146 8.17 25.86 -11.12
CA ALA B 146 8.07 24.97 -9.98
C ALA B 146 8.32 23.50 -10.32
N ARG B 147 8.51 23.17 -11.59
CA ARG B 147 8.79 21.78 -11.98
C ARG B 147 9.90 21.10 -11.18
N PRO B 148 11.03 21.76 -10.83
CA PRO B 148 12.12 21.03 -10.14
C PRO B 148 11.69 20.28 -8.89
N MET B 149 10.95 20.93 -7.99
CA MET B 149 10.69 20.29 -6.72
C MET B 149 9.65 19.18 -6.87
N TYR B 150 8.58 19.43 -7.62
CA TYR B 150 7.60 18.38 -7.89
C TYR B 150 8.26 17.14 -8.46
N ILE B 151 9.19 17.32 -9.41
CA ILE B 151 9.88 16.17 -9.96
C ILE B 151 10.67 15.46 -8.86
N ALA B 152 11.29 16.23 -7.97
CA ALA B 152 12.15 15.62 -6.96
C ALA B 152 11.35 14.79 -5.98
N ARG B 153 10.08 15.13 -5.78
CA ARG B 153 9.19 14.38 -4.91
C ARG B 153 8.51 13.18 -5.59
N GLY B 154 8.78 12.93 -6.87
CA GLY B 154 8.23 11.76 -7.52
C GLY B 154 7.09 12.01 -8.48
N TRP B 155 6.62 13.25 -8.61
CA TRP B 155 5.59 13.53 -9.59
C TRP B 155 6.17 13.45 -11.00
N LEU B 156 5.29 13.19 -11.95
CA LEU B 156 5.65 13.11 -13.36
C LEU B 156 5.05 14.30 -14.10
N SER B 157 5.84 14.88 -14.99
CA SER B 157 5.32 15.88 -15.90
C SER B 157 4.48 15.19 -16.96
N TRP B 158 3.28 15.70 -17.22
CA TRP B 158 2.46 15.20 -18.32
C TRP B 158 2.80 15.98 -19.59
N GLU B 159 3.35 15.26 -20.58
CA GLU B 159 3.82 15.89 -21.82
C GLU B 159 2.70 15.98 -22.86
N GLY B 160 1.83 14.98 -22.92
CA GLY B 160 0.75 14.97 -23.89
C GLY B 160 -0.21 16.15 -23.73
N PRO B 161 -1.12 16.29 -24.68
CA PRO B 161 -2.12 17.36 -24.57
C PRO B 161 -3.08 17.08 -23.42
N THR B 162 -3.67 18.16 -22.91
CA THR B 162 -4.67 18.07 -21.86
C THR B 162 -5.99 18.60 -22.41
N SER B 163 -7.08 18.08 -21.86
CA SER B 163 -8.41 18.48 -22.29
C SER B 163 -9.37 18.38 -21.13
N VAL B 164 -10.64 18.66 -21.41
CA VAL B 164 -11.71 18.61 -20.43
C VAL B 164 -12.96 18.09 -21.14
N LEU B 165 -13.72 17.24 -20.46
CA LEU B 165 -14.98 16.73 -21.00
C LEU B 165 -16.11 17.70 -20.61
N THR B 166 -16.53 18.52 -21.57
CA THR B 166 -17.54 19.54 -21.31
C THR B 166 -18.94 18.97 -21.46
N PRO B 167 -19.94 19.58 -20.86
CA PRO B 167 -21.31 19.05 -21.01
C PRO B 167 -21.92 19.50 -22.33
N THR B 168 -21.70 20.77 -22.66
CA THR B 168 -22.24 21.38 -23.88
C THR B 168 -21.67 20.68 -25.09
N GLU B 169 -20.37 20.86 -25.32
CA GLU B 169 -19.66 20.18 -26.38
C GLU B 169 -19.17 18.82 -25.88
N GLY B 170 -18.09 18.33 -26.44
CA GLY B 170 -17.52 17.13 -25.88
C GLY B 170 -16.20 17.47 -25.27
N ILE B 171 -15.18 16.66 -25.56
CA ILE B 171 -13.84 16.92 -25.10
C ILE B 171 -13.31 18.17 -25.79
N VAL B 172 -12.77 19.09 -25.02
CA VAL B 172 -12.22 20.34 -25.54
C VAL B 172 -10.80 20.47 -25.02
N ARG B 173 -9.86 20.64 -25.94
CA ARG B 173 -8.43 20.73 -25.56
C ARG B 173 -8.19 21.98 -24.71
N THR B 174 -7.31 21.86 -23.72
CA THR B 174 -6.99 23.00 -22.84
C THR B 174 -5.95 23.86 -23.53
N PRO B 175 -6.15 25.19 -23.63
CA PRO B 175 -5.20 26.08 -24.29
C PRO B 175 -3.77 25.91 -23.77
N GLU B 176 -2.84 25.83 -24.70
CA GLU B 176 -1.39 25.64 -24.38
C GLU B 176 -0.87 26.83 -23.60
N ASP B 177 -0.10 26.54 -22.54
CA ASP B 177 0.52 27.57 -21.70
C ASP B 177 1.70 26.96 -20.92
N ASP B 178 2.45 27.82 -20.26
CA ASP B 178 3.61 27.49 -19.44
C ASP B 178 3.24 26.81 -18.14
N ARG B 179 1.95 26.64 -17.88
CA ARG B 179 1.50 25.75 -16.82
C ARG B 179 1.65 24.31 -17.27
N SER B 180 2.12 23.45 -16.37
CA SER B 180 2.25 22.04 -16.66
C SER B 180 1.35 21.25 -15.73
N LEU B 181 0.92 20.10 -16.20
CA LEU B 181 0.17 19.17 -15.37
C LEU B 181 1.13 18.12 -14.83
N PHE B 182 0.95 17.76 -13.54
CA PHE B 182 1.72 16.71 -12.89
C PHE B 182 0.77 15.66 -12.34
N VAL B 183 1.21 14.39 -12.38
CA VAL B 183 0.42 13.26 -11.89
C VAL B 183 1.30 12.41 -10.97
N LEU B 184 0.70 11.84 -9.94
CA LEU B 184 1.39 10.95 -9.00
C LEU B 184 0.72 9.58 -9.11
N PRO B 185 1.29 8.66 -9.87
CA PRO B 185 0.71 7.31 -10.00
C PRO B 185 0.85 6.55 -8.69
N VAL B 186 -0.27 6.03 -8.19
CA VAL B 186 -0.28 5.48 -6.85
C VAL B 186 -0.91 4.09 -6.84
N ASP B 187 -2.04 3.92 -7.55
CA ASP B 187 -2.76 2.65 -7.55
C ASP B 187 -3.60 2.57 -8.82
N LEU B 188 -2.93 2.44 -9.96
CA LEU B 188 -3.62 2.32 -11.24
C LEU B 188 -4.21 0.93 -11.39
N PRO B 189 -5.26 0.78 -12.21
CA PRO B 189 -5.93 -0.53 -12.34
C PRO B 189 -5.06 -1.61 -12.95
N ASP B 190 -5.64 -2.80 -13.15
CA ASP B 190 -5.12 -4.06 -13.76
C ASP B 190 -3.72 -3.89 -14.42
N GLY B 191 -3.64 -3.47 -15.67
CA GLY B 191 -2.36 -3.11 -16.25
C GLY B 191 -2.25 -1.60 -16.43
N LEU B 192 -3.11 -1.07 -17.30
CA LEU B 192 -3.21 0.37 -17.66
C LEU B 192 -1.88 0.90 -18.22
N GLU B 193 -0.74 0.49 -17.65
CA GLU B 193 0.59 0.88 -18.21
C GLU B 193 0.86 2.38 -18.04
N LEU B 194 0.22 3.27 -18.85
CA LEU B 194 0.20 4.78 -18.84
C LEU B 194 1.26 5.47 -19.71
N ASP B 195 0.84 6.06 -20.85
CA ASP B 195 1.75 6.82 -21.69
C ASP B 195 1.53 8.32 -21.45
N THR B 196 2.49 8.98 -20.78
CA THR B 196 2.29 10.37 -20.39
C THR B 196 2.39 11.34 -21.57
N ALA B 197 2.67 10.82 -22.77
CA ALA B 197 2.62 11.63 -23.96
C ALA B 197 1.26 11.59 -24.64
N ARG B 198 0.37 10.70 -24.21
CA ARG B 198 -0.97 10.61 -24.77
C ARG B 198 -1.89 11.63 -24.11
N GLU B 199 -3.11 11.73 -24.64
CA GLU B 199 -4.03 12.73 -24.13
C GLU B 199 -4.53 12.33 -22.75
N ILE B 200 -4.85 13.36 -21.96
CA ILE B 200 -5.45 13.15 -20.66
C ILE B 200 -6.53 14.21 -20.47
N THR B 201 -7.60 13.82 -19.80
CA THR B 201 -8.83 14.60 -19.78
C THR B 201 -9.39 14.61 -18.37
N CYS B 202 -9.67 15.81 -17.85
CA CYS B 202 -10.28 16.01 -16.55
C CYS B 202 -11.78 16.20 -16.70
N ASP B 203 -12.48 16.18 -15.56
CA ASP B 203 -13.92 16.41 -15.62
C ASP B 203 -14.22 17.90 -15.59
N TRP B 204 -15.47 18.22 -15.91
CA TRP B 204 -15.88 19.60 -16.05
C TRP B 204 -16.28 20.19 -14.70
N ARG B 205 -15.99 21.48 -14.55
CA ARG B 205 -16.47 22.33 -13.49
C ARG B 205 -16.36 23.74 -14.04
N SER B 206 -17.01 24.69 -13.40
CA SER B 206 -16.88 26.04 -13.92
C SER B 206 -15.57 26.67 -13.40
N GLY B 207 -15.27 27.87 -13.91
CA GLY B 207 -13.98 28.46 -13.66
C GLY B 207 -12.87 27.65 -14.32
N ASP B 208 -11.69 27.72 -13.73
CA ASP B 208 -10.54 27.01 -14.25
C ASP B 208 -10.77 25.51 -14.11
N PRO B 209 -10.70 24.73 -15.18
CA PRO B 209 -10.78 23.27 -15.02
C PRO B 209 -9.55 22.67 -14.35
N TRP B 210 -8.44 23.39 -14.29
CA TRP B 210 -7.22 22.85 -13.73
C TRP B 210 -6.78 23.65 -12.51
N THR C 17 10.31 3.50 -14.03
CA THR C 17 9.95 2.29 -13.29
C THR C 17 11.17 1.46 -12.91
N ALA C 18 11.08 0.76 -11.78
CA ALA C 18 12.21 0.03 -11.23
C ALA C 18 12.08 -1.46 -11.54
N ARG C 19 13.18 -2.08 -11.94
CA ARG C 19 13.19 -3.53 -12.11
C ARG C 19 13.29 -4.20 -10.75
N LEU C 20 12.49 -5.24 -10.53
CA LEU C 20 12.54 -6.07 -9.31
C LEU C 20 13.23 -7.38 -9.65
N ILE C 21 14.41 -7.61 -9.06
CA ILE C 21 15.23 -8.79 -9.32
C ILE C 21 15.75 -9.35 -8.00
N HIS C 22 15.49 -10.63 -7.75
CA HIS C 22 16.06 -11.31 -6.58
C HIS C 22 17.58 -11.45 -6.74
N THR C 23 18.27 -11.55 -5.60
CA THR C 23 19.74 -11.58 -5.60
C THR C 23 20.25 -12.75 -6.45
N SER C 24 19.60 -13.92 -6.34
CA SER C 24 19.94 -15.10 -7.11
C SER C 24 19.75 -14.94 -8.63
N ASP C 25 19.17 -13.84 -9.11
CA ASP C 25 19.10 -13.64 -10.55
C ASP C 25 20.08 -12.59 -11.07
N LEU C 26 20.62 -11.76 -10.18
CA LEU C 26 21.76 -10.93 -10.53
C LEU C 26 22.95 -11.79 -10.94
N ASP C 27 23.50 -11.53 -12.11
CA ASP C 27 24.85 -12.00 -12.40
C ASP C 27 25.84 -11.21 -11.55
N GLN C 28 26.98 -11.85 -11.24
CA GLN C 28 27.90 -11.25 -10.28
C GLN C 28 28.40 -9.89 -10.74
N GLU C 29 28.35 -9.61 -12.05
CA GLU C 29 28.80 -8.32 -12.55
C GLU C 29 27.81 -7.22 -12.20
N THR C 30 26.54 -7.41 -12.55
CA THR C 30 25.49 -6.49 -12.08
C THR C 30 25.52 -6.37 -10.56
N ARG C 31 25.84 -7.46 -9.88
CA ARG C 31 25.94 -7.45 -8.43
C ARG C 31 27.09 -6.57 -7.96
N ASP C 32 28.26 -6.75 -8.58
CA ASP C 32 29.42 -5.91 -8.24
C ASP C 32 29.14 -4.47 -8.56
N GLY C 33 28.48 -4.20 -9.69
CA GLY C 33 28.15 -2.84 -10.04
C GLY C 33 27.25 -2.19 -9.03
N ALA C 34 26.23 -2.93 -8.56
CA ALA C 34 25.32 -2.41 -7.56
C ALA C 34 26.07 -2.05 -6.28
N ARG C 35 26.87 -2.99 -5.78
CA ARG C 35 27.68 -2.74 -4.59
C ARG C 35 28.47 -1.45 -4.71
N ARG C 36 29.13 -1.24 -5.85
CA ARG C 36 29.95 -0.05 -6.03
C ARG C 36 29.09 1.22 -6.07
N MET C 37 27.97 1.18 -6.79
CA MET C 37 27.09 2.35 -6.86
C MET C 37 26.63 2.76 -5.48
N VAL C 38 26.15 1.77 -4.69
CA VAL C 38 25.66 2.06 -3.34
C VAL C 38 26.78 2.60 -2.46
N ILE C 39 27.97 2.04 -2.59
CA ILE C 39 29.10 2.49 -1.78
C ILE C 39 29.40 3.97 -2.05
N GLU C 40 29.51 4.35 -3.33
CA GLU C 40 29.79 5.75 -3.63
C GLU C 40 28.62 6.65 -3.23
N ALA C 41 27.39 6.15 -3.37
CA ALA C 41 26.21 6.95 -3.04
C ALA C 41 26.26 7.47 -1.61
N PHE C 42 26.94 6.75 -0.71
CA PHE C 42 27.02 7.12 0.69
C PHE C 42 28.35 7.80 1.03
N ARG C 43 29.15 8.14 0.03
CA ARG C 43 30.51 8.65 0.25
C ARG C 43 30.56 10.18 0.28
N ASP C 54 32.22 4.23 4.46
CA ASP C 54 30.97 4.50 5.20
C ASP C 54 29.94 3.40 4.98
N PHE C 55 30.04 2.64 3.90
CA PHE C 55 29.15 1.49 3.66
C PHE C 55 30.06 0.29 3.88
N THR C 56 29.87 -0.44 4.96
CA THR C 56 30.78 -1.52 5.23
C THR C 56 30.39 -2.79 4.50
N ASP C 57 31.24 -3.80 4.64
CA ASP C 57 30.95 -5.14 4.18
C ASP C 57 29.64 -5.67 4.76
N ASP C 58 29.34 -5.32 6.02
CA ASP C 58 28.10 -5.79 6.63
C ASP C 58 26.90 -5.02 6.12
N ASP C 59 27.06 -3.72 5.83
CA ASP C 59 25.97 -2.95 5.26
C ASP C 59 25.46 -3.59 3.97
N TRP C 60 26.37 -4.15 3.16
CA TRP C 60 26.00 -4.74 1.88
C TRP C 60 25.47 -6.17 2.04
N ASP C 61 26.02 -6.95 2.98
CA ASP C 61 25.41 -8.25 3.26
C ASP C 61 23.98 -8.06 3.75
N HIS C 62 23.71 -6.98 4.48
CA HIS C 62 22.37 -6.69 4.95
C HIS C 62 21.42 -6.45 3.80
N ALA C 63 21.93 -5.96 2.66
CA ALA C 63 21.14 -5.68 1.48
C ALA C 63 21.00 -6.89 0.56
N LEU C 64 21.64 -8.00 0.89
CA LEU C 64 21.70 -9.19 0.06
C LEU C 64 20.73 -10.26 0.53
N GLY C 65 20.16 -11.01 -0.41
CA GLY C 65 19.34 -12.16 -0.11
C GLY C 65 17.84 -11.99 -0.33
N GLY C 66 17.36 -10.81 -0.73
CA GLY C 66 15.96 -10.58 -1.04
C GLY C 66 15.77 -10.02 -2.43
N MET C 67 14.83 -9.07 -2.55
CA MET C 67 14.47 -8.45 -3.81
C MET C 67 15.18 -7.10 -3.93
N HIS C 68 15.85 -6.87 -5.07
CA HIS C 68 16.45 -5.59 -5.39
C HIS C 68 15.55 -4.80 -6.33
N ALA C 69 15.43 -3.51 -6.09
CA ALA C 69 14.91 -2.56 -7.06
C ALA C 69 16.08 -1.88 -7.77
N LEU C 70 16.07 -1.91 -9.10
CA LEU C 70 17.15 -1.38 -9.92
C LEU C 70 16.60 -0.40 -10.95
N ILE C 71 17.18 0.79 -11.02
CA ILE C 71 16.99 1.71 -12.13
C ILE C 71 18.35 1.97 -12.73
N SER C 72 18.46 1.79 -14.05
CA SER C 72 19.72 1.96 -14.74
C SER C 72 19.52 2.83 -15.97
N HIS C 73 20.64 3.31 -16.50
CA HIS C 73 20.70 4.25 -17.62
C HIS C 73 21.87 3.85 -18.50
N HIS C 74 21.58 3.43 -19.74
CA HIS C 74 22.61 2.96 -20.67
C HIS C 74 23.51 1.92 -20.01
N GLY C 75 22.92 1.04 -19.21
CA GLY C 75 23.68 0.02 -18.51
C GLY C 75 24.34 0.44 -17.22
N ALA C 76 24.19 1.70 -16.80
CA ALA C 76 24.76 2.19 -15.55
C ALA C 76 23.67 2.30 -14.49
N LEU C 77 23.91 1.71 -13.34
CA LEU C 77 22.93 1.77 -12.27
C LEU C 77 22.90 3.17 -11.66
N ILE C 78 21.71 3.73 -11.51
CA ILE C 78 21.57 5.08 -10.96
C ILE C 78 20.68 5.11 -9.73
N ALA C 79 20.07 4.00 -9.35
CA ALA C 79 19.30 3.92 -8.12
C ALA C 79 19.18 2.45 -7.72
N HIS C 80 19.26 2.22 -6.41
CA HIS C 80 19.19 0.87 -5.84
C HIS C 80 18.40 0.92 -4.56
N GLY C 81 17.77 -0.22 -4.22
CA GLY C 81 17.15 -0.47 -2.93
C GLY C 81 16.83 -1.95 -2.83
N ALA C 82 16.65 -2.42 -1.59
CA ALA C 82 16.45 -3.85 -1.38
C ALA C 82 15.55 -4.09 -0.16
N VAL C 83 14.76 -5.16 -0.26
CA VAL C 83 13.90 -5.64 0.83
C VAL C 83 14.32 -7.06 1.19
N VAL C 84 14.74 -7.27 2.44
CA VAL C 84 15.23 -8.55 2.90
C VAL C 84 14.33 -9.03 4.04
N GLN C 85 14.22 -10.35 4.19
CA GLN C 85 13.38 -10.94 5.21
C GLN C 85 14.13 -11.05 6.53
N ARG C 86 13.50 -10.59 7.61
CA ARG C 86 13.92 -10.88 8.97
C ARG C 86 12.66 -11.09 9.81
N ARG C 87 12.84 -11.19 11.11
CA ARG C 87 11.72 -11.25 12.04
C ARG C 87 11.76 -10.05 12.97
N LEU C 88 10.59 -9.51 13.28
CA LEU C 88 10.46 -8.41 14.25
C LEU C 88 9.60 -8.90 15.41
N MET C 89 10.17 -8.89 16.62
CA MET C 89 9.49 -9.44 17.80
C MET C 89 8.67 -8.38 18.52
N TYR C 90 7.45 -8.75 18.89
CA TYR C 90 6.53 -7.81 19.50
C TYR C 90 5.72 -8.54 20.55
N ARG C 91 5.62 -7.95 21.75
CA ARG C 91 4.76 -8.45 22.80
C ARG C 91 3.78 -7.34 23.17
N GLY C 92 2.50 -7.56 22.88
CA GLY C 92 1.47 -6.64 23.27
C GLY C 92 1.10 -6.81 24.74
N PRO C 93 0.07 -6.09 25.19
CA PRO C 93 -0.28 -6.16 26.62
C PRO C 93 -0.75 -7.53 27.06
N ASP C 94 -1.36 -8.33 26.18
CA ASP C 94 -1.89 -9.64 26.55
C ASP C 94 -0.82 -10.70 26.77
N GLY C 95 0.43 -10.30 27.01
CA GLY C 95 1.52 -11.26 27.08
C GLY C 95 1.78 -11.98 25.78
N ARG C 96 1.22 -11.41 24.70
CA ARG C 96 1.24 -11.81 23.26
C ARG C 96 2.33 -12.82 22.87
N GLY C 97 3.41 -12.33 22.27
CA GLY C 97 4.47 -13.16 21.73
C GLY C 97 4.30 -13.33 20.23
N HIS C 98 4.86 -12.42 19.45
CA HIS C 98 4.81 -12.48 18.00
C HIS C 98 6.21 -12.31 17.43
N ALA C 99 6.53 -13.11 16.42
CA ALA C 99 7.75 -12.95 15.63
C ALA C 99 7.29 -12.65 14.20
N LEU C 100 6.98 -11.39 13.94
CA LEU C 100 6.36 -10.98 12.69
C LEU C 100 7.32 -11.16 11.51
N ARG C 101 6.83 -11.77 10.45
CA ARG C 101 7.61 -11.91 9.23
C ARG C 101 7.77 -10.53 8.59
N CYS C 102 9.01 -10.04 8.52
CA CYS C 102 9.29 -8.64 8.23
C CYS C 102 10.05 -8.47 6.93
N GLY C 103 9.58 -7.54 6.10
CA GLY C 103 10.36 -7.05 4.97
C GLY C 103 11.14 -5.81 5.37
N TYR C 104 12.47 -5.91 5.45
CA TYR C 104 13.30 -4.81 5.93
C TYR C 104 13.99 -4.12 4.76
N VAL C 105 13.93 -2.78 4.72
CA VAL C 105 14.44 -1.98 3.60
C VAL C 105 15.91 -1.70 3.79
N GLU C 106 16.67 -1.75 2.69
CA GLU C 106 18.12 -1.64 2.79
C GLU C 106 18.68 -0.95 1.56
N ALA C 107 19.78 -0.21 1.79
CA ALA C 107 20.69 0.25 0.73
C ALA C 107 19.95 0.99 -0.38
N VAL C 108 19.03 1.87 0.02
CA VAL C 108 18.39 2.79 -0.91
C VAL C 108 19.42 3.86 -1.30
N ALA C 109 19.79 3.88 -2.58
CA ALA C 109 20.90 4.73 -3.00
C ALA C 109 20.62 5.28 -4.38
N VAL C 110 20.79 6.59 -4.56
CA VAL C 110 20.61 7.27 -5.84
C VAL C 110 21.94 7.89 -6.23
N ARG C 111 22.36 7.70 -7.47
CA ARG C 111 23.64 8.22 -7.91
C ARG C 111 23.63 9.74 -7.94
N GLU C 112 24.74 10.34 -7.50
CA GLU C 112 24.70 11.74 -7.08
C GLU C 112 24.32 12.68 -8.20
N ASP C 113 24.76 12.41 -9.42
CA ASP C 113 24.35 13.26 -10.53
C ASP C 113 22.84 13.21 -10.77
N ARG C 114 22.17 12.14 -10.35
CA ARG C 114 20.76 11.94 -10.63
C ARG C 114 19.85 12.23 -9.45
N ARG C 115 20.37 12.66 -8.31
CA ARG C 115 19.50 13.02 -7.19
C ARG C 115 18.70 14.27 -7.54
N GLY C 116 17.45 14.29 -7.11
CA GLY C 116 16.53 15.34 -7.51
C GLY C 116 15.58 14.97 -8.64
N ASP C 117 15.73 13.79 -9.22
CA ASP C 117 14.89 13.35 -10.33
C ASP C 117 13.74 12.45 -9.89
N GLY C 118 13.53 12.26 -8.59
CA GLY C 118 12.49 11.37 -8.09
C GLY C 118 12.78 9.89 -8.17
N LEU C 119 14.05 9.48 -8.30
CA LEU C 119 14.37 8.06 -8.46
C LEU C 119 14.07 7.28 -7.19
N GLY C 120 14.30 7.88 -6.02
CA GLY C 120 14.03 7.16 -4.79
C GLY C 120 12.57 6.80 -4.65
N THR C 121 11.70 7.72 -5.05
CA THR C 121 10.27 7.44 -5.10
C THR C 121 9.97 6.20 -5.91
N ALA C 122 10.58 6.10 -7.10
CA ALA C 122 10.38 4.93 -7.94
C ALA C 122 10.91 3.68 -7.24
N VAL C 123 12.03 3.80 -6.52
CA VAL C 123 12.62 2.64 -5.86
C VAL C 123 11.69 2.14 -4.76
N LEU C 124 11.01 3.05 -4.07
CA LEU C 124 10.13 2.65 -2.98
C LEU C 124 8.79 2.12 -3.49
N ASP C 125 8.31 2.61 -4.64
CA ASP C 125 7.16 1.97 -5.27
C ASP C 125 7.42 0.47 -5.45
N ALA C 126 8.58 0.12 -6.01
CA ALA C 126 8.88 -1.29 -6.26
C ALA C 126 9.06 -2.06 -4.96
N LEU C 127 9.80 -1.49 -4.00
CA LEU C 127 10.05 -2.17 -2.74
C LEU C 127 8.75 -2.40 -1.98
N GLU C 128 7.86 -1.41 -1.97
CA GLU C 128 6.63 -1.54 -1.18
C GLU C 128 5.66 -2.51 -1.82
N GLN C 129 5.71 -2.71 -3.13
CA GLN C 129 4.95 -3.82 -3.69
C GLN C 129 5.51 -5.16 -3.22
N VAL C 130 6.83 -5.26 -3.03
CA VAL C 130 7.40 -6.49 -2.48
C VAL C 130 6.91 -6.72 -1.06
N ILE C 131 6.93 -5.68 -0.23
CA ILE C 131 6.50 -5.82 1.16
C ILE C 131 5.03 -6.20 1.23
N ARG C 132 4.19 -5.46 0.50
CA ARG C 132 2.76 -5.70 0.49
C ARG C 132 2.44 -7.12 0.08
N GLY C 133 3.15 -7.64 -0.92
CA GLY C 133 2.86 -8.94 -1.45
C GLY C 133 3.49 -10.12 -0.75
N ALA C 134 4.28 -9.93 0.31
CA ALA C 134 5.02 -11.09 0.81
C ALA C 134 5.27 -11.09 2.31
N TYR C 135 4.98 -10.00 3.00
CA TYR C 135 5.33 -9.84 4.41
C TYR C 135 4.14 -9.38 5.24
N GLN C 136 4.25 -9.63 6.54
CA GLN C 136 3.27 -9.13 7.50
C GLN C 136 3.53 -7.69 7.89
N ILE C 137 4.77 -7.23 7.75
CA ILE C 137 5.11 -5.89 8.18
C ILE C 137 6.35 -5.46 7.41
N GLY C 138 6.38 -4.18 7.04
CA GLY C 138 7.56 -3.55 6.50
C GLY C 138 8.24 -2.74 7.59
N ALA C 139 9.55 -2.55 7.46
CA ALA C 139 10.29 -1.81 8.48
C ALA C 139 11.58 -1.26 7.88
N LEU C 140 12.00 -0.09 8.36
CA LEU C 140 13.27 0.50 7.94
C LEU C 140 13.68 1.55 8.96
N SER C 141 14.93 1.96 8.85
CA SER C 141 15.48 2.98 9.76
C SER C 141 15.97 4.13 8.90
N ALA C 142 15.53 5.34 9.19
CA ALA C 142 15.98 6.44 8.32
C ALA C 142 16.39 7.65 9.14
N SER C 143 17.03 8.59 8.45
CA SER C 143 17.46 9.88 9.03
C SER C 143 16.24 10.77 9.17
N ASP C 144 16.35 11.80 9.99
CA ASP C 144 15.16 12.62 10.10
C ASP C 144 15.00 13.56 8.91
N ILE C 145 16.02 13.65 8.05
CA ILE C 145 15.88 14.26 6.74
C ILE C 145 14.89 13.50 5.85
N ALA C 146 14.66 12.21 6.12
CA ALA C 146 13.73 11.42 5.33
C ALA C 146 12.39 11.16 6.01
N ARG C 147 12.32 11.35 7.35
CA ARG C 147 11.11 11.19 8.15
C ARG C 147 9.85 11.67 7.43
N PRO C 148 9.79 12.92 6.96
CA PRO C 148 8.53 13.39 6.34
C PRO C 148 8.11 12.55 5.14
N MET C 149 9.04 12.28 4.24
CA MET C 149 8.68 11.59 3.01
C MET C 149 8.35 10.11 3.25
N TYR C 150 8.74 9.54 4.38
CA TYR C 150 8.28 8.21 4.74
C TYR C 150 6.91 8.25 5.38
N ILE C 151 6.69 9.19 6.29
CA ILE C 151 5.34 9.43 6.83
C ILE C 151 4.36 9.72 5.69
N ALA C 152 4.83 10.41 4.65
CA ALA C 152 3.99 10.78 3.53
C ALA C 152 3.63 9.60 2.65
N ARG C 153 4.25 8.44 2.84
CA ARG C 153 3.87 7.25 2.09
C ARG C 153 3.05 6.28 2.93
N GLY C 154 2.72 6.63 4.16
CA GLY C 154 1.95 5.77 5.02
C GLY C 154 2.76 5.03 6.05
N TRP C 155 4.08 5.13 6.01
CA TRP C 155 4.88 4.49 7.05
C TRP C 155 4.56 5.13 8.40
N LEU C 156 4.62 4.33 9.44
CA LEU C 156 4.25 4.78 10.78
C LEU C 156 5.52 4.91 11.60
N SER C 157 5.73 6.09 12.17
CA SER C 157 6.89 6.29 13.04
C SER C 157 6.72 5.47 14.30
N TRP C 158 7.76 4.73 14.66
CA TRP C 158 7.74 3.96 15.90
C TRP C 158 8.17 4.85 17.06
N GLU C 159 7.29 5.03 18.04
CA GLU C 159 7.52 5.94 19.16
C GLU C 159 8.16 5.26 20.35
N GLY C 160 7.91 3.98 20.55
CA GLY C 160 8.44 3.30 21.69
C GLY C 160 9.90 2.98 21.55
N PRO C 161 10.43 2.31 22.57
CA PRO C 161 11.83 1.88 22.53
C PRO C 161 12.02 0.69 21.60
N THR C 162 13.17 0.66 20.94
CA THR C 162 13.58 -0.47 20.12
C THR C 162 14.78 -1.16 20.75
N SER C 163 14.92 -2.44 20.45
CA SER C 163 15.98 -3.26 21.02
C SER C 163 16.35 -4.37 20.04
N VAL C 164 17.34 -5.18 20.44
CA VAL C 164 17.93 -6.23 19.62
C VAL C 164 18.08 -7.48 20.47
N LEU C 165 17.62 -8.62 19.95
CA LEU C 165 17.88 -9.91 20.59
C LEU C 165 19.31 -10.31 20.25
N THR C 166 20.18 -10.37 21.27
CA THR C 166 21.59 -10.69 21.05
C THR C 166 21.88 -12.12 21.46
N PRO C 167 22.95 -12.72 20.91
CA PRO C 167 23.25 -14.13 21.23
C PRO C 167 23.79 -14.36 22.64
N THR C 168 24.47 -13.40 23.23
CA THR C 168 25.21 -13.61 24.46
C THR C 168 24.62 -12.90 25.67
N GLU C 169 24.22 -11.65 25.50
CA GLU C 169 23.30 -11.03 26.43
C GLU C 169 21.89 -11.38 25.93
N GLY C 170 20.88 -10.68 26.44
CA GLY C 170 19.56 -10.96 25.91
C GLY C 170 19.12 -9.81 25.04
N ILE C 171 17.87 -9.40 25.24
CA ILE C 171 17.34 -8.23 24.56
C ILE C 171 18.02 -6.98 25.10
N VAL C 172 18.70 -6.26 24.21
CA VAL C 172 19.52 -5.10 24.51
C VAL C 172 18.94 -3.90 23.77
N ARG C 173 18.89 -2.74 24.42
CA ARG C 173 18.27 -1.54 23.85
C ARG C 173 19.16 -0.82 22.85
N THR C 174 18.50 -0.13 21.92
CA THR C 174 19.14 0.67 20.86
C THR C 174 19.06 2.16 21.23
N PRO C 175 20.17 2.89 21.40
CA PRO C 175 20.11 4.28 21.79
C PRO C 175 19.58 5.15 20.65
N GLU C 176 18.96 6.29 20.96
CA GLU C 176 18.36 7.16 19.89
C GLU C 176 19.45 7.87 19.10
N ASP C 177 20.12 7.15 18.21
CA ASP C 177 21.22 7.76 17.43
C ASP C 177 20.72 8.66 16.30
N ASP C 178 19.71 9.47 16.55
CA ASP C 178 19.14 10.36 15.51
C ASP C 178 18.90 9.58 14.21
N ARG C 179 18.16 8.48 14.33
CA ARG C 179 17.69 7.72 13.16
C ARG C 179 16.20 7.47 13.39
N SER C 180 15.87 6.40 14.11
CA SER C 180 14.50 5.91 14.47
C SER C 180 13.88 4.98 13.43
N LEU C 181 12.94 4.18 13.92
CA LEU C 181 12.35 3.09 13.17
C LEU C 181 11.06 3.51 12.49
N PHE C 182 10.79 2.91 11.32
CA PHE C 182 9.51 3.10 10.65
C PHE C 182 8.93 1.75 10.22
N VAL C 183 7.63 1.56 10.45
CA VAL C 183 6.97 0.31 10.11
C VAL C 183 5.85 0.58 9.10
N LEU C 184 5.50 -0.46 8.36
CA LEU C 184 4.42 -0.41 7.38
C LEU C 184 3.53 -1.63 7.56
N PRO C 185 2.51 -1.53 8.42
CA PRO C 185 1.65 -2.69 8.70
C PRO C 185 0.90 -3.11 7.45
N VAL C 186 1.21 -4.31 6.98
CA VAL C 186 0.67 -4.83 5.74
C VAL C 186 -0.41 -5.86 5.98
N ASP C 187 -0.18 -6.78 6.90
CA ASP C 187 -0.97 -8.00 7.03
C ASP C 187 -0.58 -8.68 8.33
N LEU C 188 -1.07 -8.12 9.44
CA LEU C 188 -0.79 -8.66 10.74
C LEU C 188 -1.68 -9.87 11.02
N PRO C 189 -1.25 -10.77 11.90
CA PRO C 189 -2.05 -11.96 12.21
C PRO C 189 -3.30 -11.61 13.01
N ASP C 190 -4.23 -12.58 13.06
CA ASP C 190 -5.29 -12.70 14.11
C ASP C 190 -6.06 -11.39 14.20
N GLY C 191 -6.02 -10.76 15.36
CA GLY C 191 -6.57 -9.43 15.55
C GLY C 191 -5.52 -8.54 16.20
N LEU C 192 -4.28 -8.72 15.75
CA LEU C 192 -3.16 -8.00 16.33
C LEU C 192 -3.27 -6.52 16.00
N GLU C 193 -3.24 -5.69 17.03
CA GLU C 193 -3.08 -4.25 16.88
C GLU C 193 -1.70 -3.88 17.42
N LEU C 194 -0.92 -3.17 16.62
CA LEU C 194 0.41 -2.76 17.01
C LEU C 194 0.33 -1.45 17.78
N ASP C 195 0.83 -1.46 19.01
CA ASP C 195 0.92 -0.23 19.80
C ASP C 195 2.25 0.41 19.47
N THR C 196 2.21 1.46 18.67
CA THR C 196 3.40 2.12 18.13
C THR C 196 4.35 2.58 19.24
N ALA C 197 3.87 2.58 20.49
CA ALA C 197 4.65 3.12 21.60
C ALA C 197 5.17 2.05 22.56
N ARG C 198 4.81 0.78 22.35
CA ARG C 198 5.41 -0.32 23.09
C ARG C 198 6.79 -0.63 22.49
N GLU C 199 7.44 -1.65 23.04
CA GLU C 199 8.76 -2.03 22.58
C GLU C 199 8.68 -3.01 21.41
N ILE C 200 9.67 -2.93 20.51
CA ILE C 200 9.76 -3.83 19.38
C ILE C 200 11.22 -4.22 19.20
N THR C 201 11.45 -5.48 18.86
CA THR C 201 12.79 -6.05 18.89
C THR C 201 13.10 -6.70 17.55
N CYS C 202 14.25 -6.39 16.99
CA CYS C 202 14.68 -7.07 15.77
C CYS C 202 15.60 -8.22 16.10
N ASP C 203 15.82 -9.06 15.10
CA ASP C 203 16.66 -10.22 15.34
C ASP C 203 18.12 -9.88 15.11
N TRP C 204 18.99 -10.77 15.55
CA TRP C 204 20.42 -10.52 15.55
C TRP C 204 21.00 -10.63 14.16
N ARG C 205 21.90 -9.70 13.84
CA ARG C 205 22.78 -9.86 12.70
C ARG C 205 24.06 -9.10 13.01
N SER C 206 25.11 -9.42 12.28
CA SER C 206 26.36 -8.71 12.50
C SER C 206 26.30 -7.32 11.86
N GLY C 207 27.14 -6.43 12.35
CA GLY C 207 27.06 -5.04 11.91
C GLY C 207 25.96 -4.29 12.63
N ASP C 208 25.42 -3.26 11.98
CA ASP C 208 24.28 -2.52 12.52
C ASP C 208 23.03 -3.39 12.46
N PRO C 209 22.38 -3.66 13.60
CA PRO C 209 21.14 -4.45 13.57
C PRO C 209 19.98 -3.77 12.85
N TRP C 210 20.06 -2.48 12.55
CA TRP C 210 18.99 -1.76 11.89
C TRP C 210 19.45 -1.19 10.57
N ALA D 14 -0.22 -26.08 -21.39
CA ALA D 14 1.13 -26.49 -20.95
C ALA D 14 1.03 -27.66 -19.95
N ILE D 15 1.64 -28.79 -20.31
CA ILE D 15 1.60 -30.08 -19.57
C ILE D 15 2.45 -30.06 -18.28
N HIS D 16 3.73 -29.68 -18.37
CA HIS D 16 4.63 -29.66 -17.19
C HIS D 16 5.38 -28.34 -17.17
N THR D 17 5.28 -27.60 -16.07
CA THR D 17 5.85 -26.26 -15.94
C THR D 17 6.44 -26.09 -14.55
N ALA D 18 7.72 -25.72 -14.49
CA ALA D 18 8.42 -25.39 -13.26
C ALA D 18 8.84 -23.93 -13.30
N ARG D 19 8.75 -23.24 -12.15
CA ARG D 19 9.01 -21.82 -12.08
C ARG D 19 9.59 -21.48 -10.72
N LEU D 20 10.49 -20.49 -10.67
CA LEU D 20 10.93 -19.89 -9.41
C LEU D 20 10.22 -18.55 -9.27
N ILE D 21 9.39 -18.42 -8.24
CA ILE D 21 8.55 -17.24 -8.05
C ILE D 21 8.69 -16.72 -6.62
N HIS D 22 8.95 -15.42 -6.49
CA HIS D 22 8.92 -14.80 -5.18
C HIS D 22 7.50 -14.74 -4.66
N THR D 23 7.37 -14.80 -3.31
CA THR D 23 6.04 -14.74 -2.71
C THR D 23 5.30 -13.53 -3.22
N SER D 24 6.00 -12.39 -3.35
CA SER D 24 5.36 -11.12 -3.75
C SER D 24 4.72 -11.17 -5.13
N ASP D 25 5.02 -12.18 -5.95
CA ASP D 25 4.44 -12.30 -7.27
C ASP D 25 3.45 -13.44 -7.41
N LEU D 26 3.06 -14.07 -6.31
CA LEU D 26 1.96 -15.01 -6.31
C LEU D 26 0.70 -14.26 -5.88
N ASP D 27 -0.35 -14.30 -6.70
CA ASP D 27 -1.59 -13.76 -6.20
C ASP D 27 -2.18 -14.71 -5.14
N GLN D 28 -3.18 -14.20 -4.43
CA GLN D 28 -3.65 -14.95 -3.27
C GLN D 28 -4.24 -16.31 -3.66
N GLU D 29 -4.89 -16.41 -4.83
CA GLU D 29 -5.45 -17.70 -5.25
C GLU D 29 -4.35 -18.74 -5.42
N THR D 30 -3.21 -18.34 -5.97
CA THR D 30 -2.13 -19.30 -6.10
C THR D 30 -1.52 -19.64 -4.75
N ARG D 31 -1.42 -18.65 -3.85
CA ARG D 31 -0.86 -18.92 -2.53
C ARG D 31 -1.74 -19.87 -1.73
N ASP D 32 -3.06 -19.66 -1.79
CA ASP D 32 -4.02 -20.63 -1.27
C ASP D 32 -3.88 -22.00 -1.94
N GLY D 33 -3.77 -22.00 -3.28
CA GLY D 33 -3.61 -23.25 -3.99
C GLY D 33 -2.43 -24.06 -3.48
N ALA D 34 -1.29 -23.39 -3.26
CA ALA D 34 -0.09 -24.08 -2.83
C ALA D 34 -0.17 -24.55 -1.38
N ARG D 35 -0.73 -23.72 -0.49
CA ARG D 35 -0.95 -24.14 0.89
C ARG D 35 -1.81 -25.40 0.96
N ARG D 36 -2.88 -25.46 0.16
CA ARG D 36 -3.73 -26.65 0.23
C ARG D 36 -3.04 -27.86 -0.39
N MET D 37 -2.24 -27.66 -1.46
CA MET D 37 -1.47 -28.78 -1.98
C MET D 37 -0.47 -29.27 -0.94
N VAL D 38 0.20 -28.34 -0.26
CA VAL D 38 1.23 -28.73 0.69
C VAL D 38 0.61 -29.41 1.91
N ILE D 39 -0.51 -28.85 2.42
CA ILE D 39 -1.18 -29.45 3.57
C ILE D 39 -1.59 -30.88 3.26
N GLU D 40 -2.15 -31.11 2.08
CA GLU D 40 -2.60 -32.44 1.71
C GLU D 40 -1.42 -33.39 1.53
N ALA D 41 -0.31 -32.90 0.97
CA ALA D 41 0.86 -33.76 0.78
C ALA D 41 1.59 -34.08 2.08
N PHE D 42 1.37 -33.33 3.15
CA PHE D 42 2.02 -33.61 4.44
C PHE D 42 1.14 -34.43 5.38
N ARG D 43 -0.10 -34.75 4.99
CA ARG D 43 -1.11 -35.20 5.95
C ARG D 43 -0.65 -36.44 6.74
N ASP D 44 -0.38 -37.55 6.03
CA ASP D 44 0.04 -38.82 6.61
C ASP D 44 -1.09 -39.50 7.38
N PRO D 45 -1.57 -40.66 6.91
CA PRO D 45 -2.69 -41.42 7.47
C PRO D 45 -2.26 -42.45 8.51
N ASP D 54 0.56 -33.03 9.72
CA ASP D 54 0.14 -32.07 10.76
C ASP D 54 0.72 -30.67 10.47
N PHE D 55 0.49 -30.19 9.24
CA PHE D 55 1.05 -28.94 8.73
C PHE D 55 0.26 -27.76 9.25
N THR D 56 0.78 -27.12 10.29
CA THR D 56 0.11 -25.99 10.94
C THR D 56 0.30 -24.72 10.13
N ASP D 57 -0.35 -23.64 10.54
CA ASP D 57 -0.15 -22.43 9.76
C ASP D 57 1.12 -21.67 10.13
N ASP D 58 1.75 -21.97 11.29
CA ASP D 58 3.12 -21.53 11.47
C ASP D 58 4.04 -22.23 10.49
N ASP D 59 3.75 -23.50 10.18
CA ASP D 59 4.52 -24.19 9.14
C ASP D 59 4.44 -23.43 7.82
N TRP D 60 3.25 -22.90 7.49
CA TRP D 60 3.06 -22.17 6.24
C TRP D 60 3.71 -20.80 6.30
N ASP D 61 3.57 -20.09 7.42
CA ASP D 61 4.23 -18.80 7.58
C ASP D 61 5.73 -18.93 7.37
N HIS D 62 6.31 -20.06 7.79
CA HIS D 62 7.73 -20.32 7.56
C HIS D 62 8.05 -20.53 6.09
N ALA D 63 7.08 -20.92 5.27
CA ALA D 63 7.29 -21.11 3.83
C ALA D 63 7.16 -19.82 3.02
N LEU D 64 6.67 -18.74 3.62
CA LEU D 64 6.42 -17.49 2.93
C LEU D 64 7.56 -16.51 3.12
N GLY D 65 7.79 -15.68 2.12
CA GLY D 65 8.73 -14.58 2.22
C GLY D 65 9.90 -14.67 1.26
N GLY D 66 10.20 -15.86 0.74
CA GLY D 66 11.32 -16.04 -0.13
C GLY D 66 10.91 -16.52 -1.51
N MET D 67 11.69 -17.45 -2.06
CA MET D 67 11.46 -17.96 -3.40
C MET D 67 10.74 -19.30 -3.35
N HIS D 68 9.63 -19.40 -4.07
CA HIS D 68 8.88 -20.64 -4.21
C HIS D 68 9.32 -21.31 -5.50
N ALA D 69 9.65 -22.60 -5.41
CA ALA D 69 9.72 -23.46 -6.60
C ALA D 69 8.34 -24.09 -6.79
N LEU D 70 7.72 -23.82 -7.93
CA LEU D 70 6.40 -24.34 -8.26
C LEU D 70 6.49 -25.18 -9.53
N ILE D 71 5.97 -26.39 -9.46
CA ILE D 71 5.76 -27.24 -10.61
C ILE D 71 4.27 -27.49 -10.71
N SER D 72 3.70 -27.15 -11.84
CA SER D 72 2.27 -27.30 -12.05
C SER D 72 2.04 -28.16 -13.28
N HIS D 73 0.85 -28.74 -13.34
CA HIS D 73 0.48 -29.61 -14.45
C HIS D 73 -0.93 -29.21 -14.86
N HIS D 74 -1.04 -28.42 -15.94
CA HIS D 74 -2.31 -27.94 -16.47
C HIS D 74 -3.06 -27.05 -15.48
N GLY D 75 -2.34 -26.27 -14.67
CA GLY D 75 -2.98 -25.38 -13.73
C GLY D 75 -3.10 -25.92 -12.32
N ALA D 76 -2.85 -27.21 -12.12
CA ALA D 76 -2.83 -27.81 -10.79
C ALA D 76 -1.39 -27.91 -10.29
N LEU D 77 -1.19 -27.53 -9.03
CA LEU D 77 0.13 -27.64 -8.43
C LEU D 77 0.45 -29.11 -8.14
N ILE D 78 1.57 -29.58 -8.65
CA ILE D 78 2.02 -30.94 -8.35
C ILE D 78 3.29 -30.98 -7.53
N ALA D 79 4.02 -29.87 -7.40
CA ALA D 79 5.18 -29.87 -6.53
C ALA D 79 5.47 -28.44 -6.07
N HIS D 80 5.75 -28.30 -4.78
CA HIS D 80 6.11 -27.03 -4.17
C HIS D 80 7.36 -27.17 -3.28
N GLY D 81 8.13 -26.09 -3.21
CA GLY D 81 9.24 -25.93 -2.29
C GLY D 81 9.56 -24.46 -2.16
N ALA D 82 10.25 -24.10 -1.07
CA ALA D 82 10.54 -22.70 -0.77
C ALA D 82 11.86 -22.54 -0.03
N VAL D 83 12.53 -21.42 -0.32
CA VAL D 83 13.75 -20.99 0.37
C VAL D 83 13.49 -19.61 0.93
N VAL D 84 13.58 -19.49 2.26
CA VAL D 84 13.40 -18.21 2.94
C VAL D 84 14.70 -17.86 3.64
N GLN D 85 14.93 -16.55 3.82
CA GLN D 85 16.15 -16.05 4.43
C GLN D 85 16.00 -16.02 5.94
N ARG D 86 17.06 -16.46 6.63
CA ARG D 86 17.21 -16.29 8.08
C ARG D 86 18.70 -16.24 8.41
N ARG D 87 19.00 -16.20 9.70
CA ARG D 87 20.37 -16.13 10.16
C ARG D 87 20.68 -17.41 10.91
N LEU D 88 21.85 -17.98 10.64
CA LEU D 88 22.39 -19.05 11.48
C LEU D 88 23.69 -18.56 12.11
N MET D 89 23.79 -18.73 13.43
CA MET D 89 24.93 -18.23 14.19
C MET D 89 25.91 -19.36 14.47
N TYR D 90 27.19 -19.06 14.26
CA TYR D 90 28.27 -20.00 14.43
C TYR D 90 29.45 -19.28 15.08
N ARG D 91 29.95 -19.84 16.18
CA ARG D 91 31.11 -19.29 16.87
C ARG D 91 32.30 -20.16 16.53
N GLY D 92 33.24 -19.58 15.77
CA GLY D 92 34.41 -20.28 15.39
C GLY D 92 35.32 -20.56 16.57
N PRO D 93 36.41 -21.27 16.33
CA PRO D 93 37.36 -21.54 17.41
C PRO D 93 38.14 -20.30 17.84
N ASP D 94 38.17 -19.24 17.03
CA ASP D 94 38.77 -17.96 17.40
C ASP D 94 37.83 -17.07 18.21
N GLY D 95 36.70 -17.61 18.66
CA GLY D 95 35.74 -16.85 19.43
C GLY D 95 34.93 -15.83 18.64
N ARG D 96 35.14 -15.71 17.34
CA ARG D 96 34.38 -14.75 16.55
C ARG D 96 32.99 -15.32 16.25
N GLY D 97 31.96 -14.54 16.55
CA GLY D 97 30.59 -14.93 16.31
C GLY D 97 30.16 -14.51 14.92
N HIS D 98 29.60 -15.46 14.18
CA HIS D 98 29.16 -15.23 12.80
C HIS D 98 27.66 -15.43 12.72
N ALA D 99 27.02 -14.61 11.89
CA ALA D 99 25.58 -14.61 11.67
C ALA D 99 25.37 -14.85 10.19
N LEU D 100 25.47 -16.11 9.78
CA LEU D 100 25.48 -16.48 8.37
C LEU D 100 24.14 -16.18 7.73
N ARG D 101 24.17 -15.42 6.64
CA ARG D 101 22.99 -15.21 5.80
C ARG D 101 22.57 -16.55 5.23
N CYS D 102 21.45 -17.09 5.73
CA CYS D 102 21.06 -18.46 5.49
C CYS D 102 19.82 -18.51 4.59
N GLY D 103 19.88 -19.36 3.57
CA GLY D 103 18.69 -19.70 2.79
C GLY D 103 18.15 -21.01 3.29
N TYR D 104 17.03 -20.98 4.00
CA TYR D 104 16.47 -22.15 4.69
C TYR D 104 15.31 -22.71 3.89
N VAL D 105 15.28 -24.03 3.76
CA VAL D 105 14.36 -24.75 2.88
C VAL D 105 13.12 -25.16 3.66
N GLU D 106 11.94 -24.92 3.08
CA GLU D 106 10.67 -25.21 3.75
C GLU D 106 9.71 -25.85 2.76
N ALA D 107 8.74 -26.57 3.30
CA ALA D 107 7.50 -26.94 2.61
C ALA D 107 7.77 -27.61 1.27
N VAL D 108 8.69 -28.56 1.25
CA VAL D 108 8.97 -29.31 0.04
C VAL D 108 7.93 -30.42 -0.09
N ALA D 109 7.16 -30.41 -1.18
CA ALA D 109 6.00 -31.28 -1.25
C ALA D 109 5.74 -31.70 -2.69
N VAL D 110 5.31 -32.94 -2.87
CA VAL D 110 4.96 -33.50 -4.16
C VAL D 110 3.56 -34.08 -4.04
N ARG D 111 2.73 -33.85 -5.05
CA ARG D 111 1.38 -34.42 -4.99
C ARG D 111 1.45 -35.95 -5.10
N GLU D 112 0.67 -36.59 -4.24
CA GLU D 112 0.63 -38.04 -4.05
C GLU D 112 0.77 -38.84 -5.35
N ASP D 113 -0.02 -38.51 -6.38
CA ASP D 113 -0.03 -39.22 -7.65
C ASP D 113 1.12 -38.87 -8.58
N ARG D 114 2.05 -38.00 -8.18
CA ARG D 114 3.13 -37.58 -9.07
C ARG D 114 4.51 -37.77 -8.45
N ARG D 115 4.62 -38.52 -7.36
CA ARG D 115 5.95 -38.87 -6.87
C ARG D 115 6.35 -40.13 -7.62
N GLY D 116 7.20 -39.97 -8.62
CA GLY D 116 7.61 -41.08 -9.45
C GLY D 116 8.20 -40.52 -10.71
N ASP D 117 8.10 -39.19 -10.82
CA ASP D 117 8.74 -38.45 -11.89
C ASP D 117 9.94 -37.65 -11.37
N GLY D 118 10.42 -38.00 -10.18
CA GLY D 118 11.50 -37.28 -9.53
C GLY D 118 11.21 -35.82 -9.24
N LEU D 119 9.94 -35.45 -9.01
CA LEU D 119 9.61 -34.04 -8.89
C LEU D 119 10.19 -33.44 -7.60
N GLY D 120 10.18 -34.20 -6.50
CA GLY D 120 10.83 -33.73 -5.29
C GLY D 120 12.29 -33.35 -5.51
N THR D 121 12.97 -34.04 -6.43
CA THR D 121 14.36 -33.70 -6.75
C THR D 121 14.44 -32.40 -7.54
N ALA D 122 13.54 -32.19 -8.49
CA ALA D 122 13.55 -30.96 -9.29
C ALA D 122 13.31 -29.73 -8.42
N VAL D 123 12.43 -29.85 -7.42
CA VAL D 123 12.20 -28.75 -6.50
C VAL D 123 13.48 -28.44 -5.74
N LEU D 124 14.10 -29.49 -5.18
CA LEU D 124 15.32 -29.32 -4.42
C LEU D 124 16.40 -28.68 -5.29
N ASP D 125 16.55 -29.18 -6.52
CA ASP D 125 17.55 -28.62 -7.43
C ASP D 125 17.33 -27.13 -7.66
N ALA D 126 16.08 -26.72 -7.84
CA ALA D 126 15.85 -25.31 -8.11
C ALA D 126 16.09 -24.46 -6.88
N LEU D 127 15.77 -24.99 -5.69
CA LEU D 127 16.04 -24.25 -4.47
C LEU D 127 17.54 -24.09 -4.25
N GLU D 128 18.34 -25.08 -4.68
CA GLU D 128 19.79 -25.00 -4.55
C GLU D 128 20.37 -23.92 -5.44
N GLN D 129 19.76 -23.67 -6.60
CA GLN D 129 20.20 -22.55 -7.43
C GLN D 129 20.00 -21.22 -6.70
N VAL D 130 18.86 -21.06 -6.05
CA VAL D 130 18.60 -19.87 -5.24
C VAL D 130 19.66 -19.72 -4.17
N ILE D 131 19.90 -20.78 -3.40
CA ILE D 131 20.90 -20.74 -2.33
C ILE D 131 22.25 -20.31 -2.89
N ARG D 132 22.69 -20.97 -3.97
CA ARG D 132 24.00 -20.69 -4.53
C ARG D 132 24.10 -19.26 -5.03
N GLY D 133 23.00 -18.73 -5.55
CA GLY D 133 23.00 -17.37 -6.06
C GLY D 133 22.86 -16.29 -5.01
N ALA D 134 22.28 -16.58 -3.84
CA ALA D 134 21.85 -15.50 -2.96
C ALA D 134 22.36 -15.55 -1.53
N TYR D 135 22.85 -16.68 -1.03
CA TYR D 135 23.08 -16.83 0.40
C TYR D 135 24.50 -17.30 0.65
N GLN D 136 24.90 -17.20 1.93
CA GLN D 136 26.21 -17.72 2.32
C GLN D 136 26.14 -19.20 2.61
N ILE D 137 24.97 -19.69 3.03
CA ILE D 137 24.81 -21.09 3.41
C ILE D 137 23.33 -21.46 3.23
N GLY D 138 23.10 -22.69 2.77
CA GLY D 138 21.78 -23.27 2.75
C GLY D 138 21.60 -24.22 3.93
N ALA D 139 20.35 -24.37 4.38
CA ALA D 139 20.10 -25.25 5.50
C ALA D 139 18.70 -25.83 5.39
N LEU D 140 18.56 -27.07 5.86
CA LEU D 140 17.27 -27.73 5.92
C LEU D 140 17.32 -28.81 6.99
N SER D 141 16.14 -29.29 7.36
CA SER D 141 16.01 -30.36 8.35
C SER D 141 15.21 -31.50 7.74
N ALA D 142 15.84 -32.67 7.68
CA ALA D 142 15.22 -33.88 7.17
C ALA D 142 15.59 -35.03 8.08
N SER D 143 14.87 -36.13 7.93
CA SER D 143 15.15 -37.32 8.72
C SER D 143 16.51 -37.91 8.35
N ASP D 144 17.23 -38.40 9.36
CA ASP D 144 18.50 -39.10 9.17
C ASP D 144 18.41 -40.28 8.19
N ILE D 145 17.19 -40.70 7.84
CA ILE D 145 17.02 -41.76 6.84
C ILE D 145 17.32 -41.24 5.44
N ALA D 146 16.77 -40.08 5.09
CA ALA D 146 17.05 -39.31 3.88
C ALA D 146 18.47 -38.78 3.82
N ARG D 147 19.35 -39.15 4.76
CA ARG D 147 20.70 -38.61 4.78
C ARG D 147 21.52 -38.92 3.53
N PRO D 148 21.60 -40.15 3.02
CA PRO D 148 22.48 -40.40 1.87
C PRO D 148 22.04 -39.67 0.62
N MET D 149 20.76 -39.32 0.53
CA MET D 149 20.28 -38.54 -0.60
C MET D 149 20.80 -37.10 -0.57
N TYR D 150 20.93 -36.51 0.62
CA TYR D 150 21.43 -35.13 0.71
C TYR D 150 22.95 -35.09 0.65
N ILE D 151 23.61 -36.06 1.27
CA ILE D 151 25.07 -36.17 1.15
C ILE D 151 25.48 -36.29 -0.30
N ALA D 152 24.70 -37.04 -1.09
CA ALA D 152 25.05 -37.22 -2.49
C ALA D 152 24.99 -35.91 -3.25
N ARG D 153 24.19 -34.95 -2.77
CA ARG D 153 24.04 -33.67 -3.44
C ARG D 153 25.00 -32.61 -2.93
N GLY D 154 25.92 -32.99 -2.04
CA GLY D 154 26.92 -32.08 -1.52
C GLY D 154 26.57 -31.43 -0.20
N TRP D 155 25.42 -31.74 0.37
CA TRP D 155 25.10 -31.21 1.67
C TRP D 155 25.98 -31.89 2.72
N LEU D 156 26.25 -31.17 3.79
CA LEU D 156 26.94 -31.72 4.94
C LEU D 156 25.91 -32.01 6.02
N SER D 157 26.04 -33.17 6.65
CA SER D 157 25.24 -33.48 7.82
C SER D 157 25.80 -32.74 9.02
N TRP D 158 24.99 -31.93 9.67
CA TRP D 158 25.46 -31.32 10.90
C TRP D 158 25.48 -32.35 12.03
N GLU D 159 26.67 -32.59 12.58
CA GLU D 159 26.86 -33.61 13.62
C GLU D 159 26.90 -33.04 15.03
N GLY D 160 27.40 -31.82 15.19
CA GLY D 160 27.44 -31.22 16.50
C GLY D 160 26.05 -30.89 16.99
N PRO D 161 25.99 -30.33 18.19
CA PRO D 161 24.71 -29.89 18.75
C PRO D 161 24.13 -28.72 17.96
N THR D 162 22.80 -28.58 18.00
CA THR D 162 22.09 -27.47 17.38
C THR D 162 21.15 -26.83 18.39
N SER D 163 20.88 -25.54 18.20
CA SER D 163 20.13 -24.79 19.19
C SER D 163 19.48 -23.56 18.54
N VAL D 164 18.71 -22.84 19.35
CA VAL D 164 17.85 -21.75 18.90
C VAL D 164 18.06 -20.57 19.83
N LEU D 165 18.21 -19.37 19.26
CA LEU D 165 18.31 -18.14 20.04
C LEU D 165 16.92 -17.67 20.41
N THR D 166 16.46 -18.03 21.59
CA THR D 166 15.11 -17.72 22.05
C THR D 166 15.05 -16.30 22.64
N PRO D 167 13.88 -15.68 22.62
CA PRO D 167 13.76 -14.29 23.14
C PRO D 167 13.89 -14.15 24.64
N THR D 168 13.56 -15.17 25.44
CA THR D 168 13.48 -15.02 26.89
C THR D 168 14.38 -15.97 27.66
N GLU D 169 14.83 -17.05 27.04
CA GLU D 169 16.00 -17.80 27.50
C GLU D 169 17.16 -17.41 26.62
N GLY D 170 18.30 -18.01 26.87
CA GLY D 170 19.36 -17.68 25.96
C GLY D 170 19.28 -18.58 24.75
N ILE D 171 20.32 -19.31 24.54
CA ILE D 171 20.37 -20.34 23.51
C ILE D 171 19.96 -21.67 24.11
N VAL D 172 19.12 -22.38 23.38
CA VAL D 172 18.41 -23.51 23.92
C VAL D 172 18.64 -24.68 22.98
N ARG D 173 19.19 -25.78 23.50
CA ARG D 173 19.55 -26.91 22.66
C ARG D 173 18.32 -27.62 22.12
N THR D 174 18.32 -27.88 20.83
CA THR D 174 17.41 -28.82 20.21
C THR D 174 17.74 -30.21 20.73
N PRO D 175 16.82 -30.93 21.35
CA PRO D 175 17.13 -32.31 21.74
C PRO D 175 17.54 -33.13 20.55
N GLU D 176 18.18 -34.26 20.83
CA GLU D 176 18.61 -35.16 19.77
C GLU D 176 17.45 -36.05 19.38
N ASP D 177 17.13 -36.07 18.09
CA ASP D 177 15.97 -36.80 17.61
C ASP D 177 16.28 -37.32 16.21
N ASP D 178 15.26 -37.91 15.56
CA ASP D 178 15.45 -38.52 14.25
C ASP D 178 15.77 -37.50 13.17
N ARG D 179 15.28 -36.28 13.31
CA ARG D 179 15.65 -35.21 12.41
C ARG D 179 17.12 -34.83 12.59
N SER D 180 17.66 -34.16 11.57
CA SER D 180 18.97 -33.55 11.71
C SER D 180 19.11 -32.46 10.67
N LEU D 181 19.92 -31.48 11.02
CA LEU D 181 20.21 -30.38 10.15
C LEU D 181 21.18 -30.80 9.05
N PHE D 182 20.99 -30.22 7.86
CA PHE D 182 21.94 -30.31 6.77
C PHE D 182 22.26 -28.91 6.30
N VAL D 183 23.52 -28.66 5.95
CA VAL D 183 23.91 -27.35 5.46
C VAL D 183 24.63 -27.49 4.13
N LEU D 184 24.57 -26.40 3.36
CA LEU D 184 25.17 -26.32 2.04
C LEU D 184 25.96 -25.02 2.03
N PRO D 185 27.23 -25.05 2.44
CA PRO D 185 28.04 -23.82 2.45
C PRO D 185 28.41 -23.44 1.02
N VAL D 186 28.21 -22.18 0.67
CA VAL D 186 28.34 -21.80 -0.74
C VAL D 186 29.18 -20.54 -0.86
N ASP D 187 29.03 -19.63 0.11
CA ASP D 187 29.74 -18.36 0.07
C ASP D 187 30.03 -17.88 1.49
N LEU D 188 30.75 -18.70 2.24
CA LEU D 188 31.09 -18.39 3.61
C LEU D 188 32.04 -17.19 3.67
N PRO D 189 31.94 -16.36 4.71
CA PRO D 189 32.77 -15.16 4.78
C PRO D 189 34.26 -15.48 4.79
N ASP D 190 34.96 -14.93 3.78
CA ASP D 190 36.37 -15.15 3.43
C ASP D 190 37.12 -16.24 4.22
N GLY D 191 37.35 -16.03 5.50
CA GLY D 191 38.26 -16.93 6.19
C GLY D 191 37.63 -17.98 7.08
N LEU D 192 36.45 -18.51 6.71
CA LEU D 192 35.67 -19.37 7.59
C LEU D 192 35.53 -20.76 6.99
N GLU D 193 35.83 -21.79 7.79
CA GLU D 193 35.47 -23.17 7.46
C GLU D 193 34.60 -23.74 8.58
N LEU D 194 33.46 -24.31 8.20
CA LEU D 194 32.58 -24.88 9.20
C LEU D 194 33.16 -26.15 9.78
N ASP D 195 33.24 -26.21 11.11
CA ASP D 195 33.42 -27.46 11.83
C ASP D 195 32.03 -28.02 12.11
N THR D 196 31.70 -29.12 11.45
CA THR D 196 30.35 -29.66 11.51
C THR D 196 30.04 -30.37 12.83
N ALA D 197 31.02 -30.58 13.70
CA ALA D 197 30.79 -31.15 15.03
C ALA D 197 30.67 -30.09 16.12
N ARG D 198 30.80 -28.81 15.79
CA ARG D 198 30.60 -27.74 16.75
C ARG D 198 29.12 -27.37 16.82
N GLU D 199 28.81 -26.28 17.50
CA GLU D 199 27.44 -25.85 17.74
C GLU D 199 26.98 -24.82 16.70
N ILE D 200 25.76 -24.99 16.20
CA ILE D 200 25.17 -23.99 15.33
C ILE D 200 23.77 -23.63 15.84
N THR D 201 23.32 -22.42 15.53
CA THR D 201 22.15 -21.83 16.18
C THR D 201 21.28 -21.10 15.18
N CYS D 202 20.01 -21.46 15.13
CA CYS D 202 19.09 -20.72 14.27
C CYS D 202 18.43 -19.58 15.04
N ASP D 203 17.88 -18.63 14.28
CA ASP D 203 17.17 -17.52 14.90
C ASP D 203 15.74 -17.96 15.23
N TRP D 204 15.07 -17.16 16.05
CA TRP D 204 13.80 -17.57 16.61
C TRP D 204 12.64 -17.27 15.68
N ARG D 205 11.63 -18.12 15.76
CA ARG D 205 10.35 -17.93 15.10
C ARG D 205 9.36 -18.79 15.85
N SER D 206 8.08 -18.50 15.68
CA SER D 206 7.05 -19.25 16.36
C SER D 206 6.93 -20.65 15.78
N GLY D 207 6.62 -21.63 16.62
CA GLY D 207 6.48 -22.99 16.14
C GLY D 207 7.83 -23.67 16.06
N ASP D 208 7.94 -24.62 15.14
CA ASP D 208 9.21 -25.33 14.98
C ASP D 208 10.29 -24.38 14.48
N PRO D 209 11.36 -24.17 15.24
CA PRO D 209 12.46 -23.32 14.74
C PRO D 209 13.26 -23.93 13.60
N TRP D 210 13.13 -25.24 13.33
CA TRP D 210 13.85 -25.87 12.23
C TRP D 210 12.90 -26.35 11.13
#